data_6F5L
#
_entry.id   6F5L
#
_cell.length_a   101.099
_cell.length_b   130.270
_cell.length_c   158.584
_cell.angle_alpha   90.00
_cell.angle_beta   90.00
_cell.angle_gamma   90.00
#
_symmetry.space_group_name_H-M   'I 2 2 2'
#
loop_
_entity.id
_entity.type
_entity.pdbx_description
1 polymer 'Glutamate carboxypeptidase 2'
2 branched 2-acetamido-2-deoxy-beta-D-glucopyranose-(1-4)-2-acetamido-2-deoxy-beta-D-glucopyranose
3 branched beta-D-mannopyranose-(1-4)-2-acetamido-2-deoxy-beta-D-glucopyranose-(1-4)-2-acetamido-2-deoxy-beta-D-glucopyranose
4 branched alpha-D-mannopyranose-(1-3)-[alpha-D-mannopyranose-(1-6)]beta-D-mannopyranose-(1-4)-2-acetamido-2-deoxy-beta-D-glucopyranose-(1-4)-2-acetamido-2-deoxy-beta-D-glucopyranose
5 non-polymer 2-acetamido-2-deoxy-beta-D-glucopyranose
6 non-polymer 'ZINC ION'
7 non-polymer 'CALCIUM ION'
8 non-polymer 'CHLORIDE ION'
9 non-polymer 'TRIETHYLENE GLYCOL'
10 non-polymer 1,2-ETHANEDIOL
11 non-polymer '(2~{S})-2-[[(2~{S})-4-methyl-1-oxidanyl-1-oxidanylidene-pentan-2-yl]carbamoyloxy]pentanedioic acid'
12 water water
#
_entity_poly.entity_id   1
_entity_poly.type   'polypeptide(L)'
_entity_poly.pdbx_seq_one_letter_code
;KSSNEATNITPKHNMKAFLDELKAENIKKFLYNFTQIPHLAGTEQNFQLAKQIQSQWKEFGLDSVELAHYDVLLSYPNKT
HPNYISIINEDGNEIFNTSLFEPPPPGYENVSDIVPPFSAFSPQGMPEGDLVYVNYARTEDFFKLERDMKINCSGKIVIA
RYGKVFRGNKVKNAQLAGAKGVILYSDPADYFAPGVKSYPDGWNLPGGGVQRGNILNLNGAGDPLTPGYPANEYAYRRGI
AEAVGLPSIPVHPIGYYDAQKLLEKMGGSAPPDSSWRGSLKVPYNVGPGFTGNFSTQKVKMHIHSTNEVTRIYNVIGTLR
GAVEPDRYVILGGHRDSWVFGGIDPQSGAAVVHEIVRSFGTLKKEGWRPRRTILFASWDAEEFGLLGSTEWAEENSRLLQ
ERGVAYINADSSIEGNYTLRVDCTPLMYSLVHNLTKELKSPDEGFEGKSLYESWTKKSPSPEFSGMPRISKLGSGNDFEV
FFQRLGIASGRARYTKNWETNKFSGYPLYHSVYETYELVEKFYDPMFKYHLTVAQVRGGMVFELANSIVLPFDCRDYAVV
LRKYADKIYSISMKHPQEMKTYSVSFDSLFSAVKNFTEIASKFSERLQDFDKSNPIVLRMMNDQLMFLERAFIDPLGLPD
RPFYRHVIYAPSSHNKYAGESFPGIYDALFDIESKVDPSKAWGEVKRQIYVAAFTVQAAAETLSEVA
;
_entity_poly.pdbx_strand_id   A
#
loop_
_chem_comp.id
_chem_comp.type
_chem_comp.name
_chem_comp.formula
BMA D-saccharide, beta linking beta-D-mannopyranose 'C6 H12 O6'
CA non-polymer 'CALCIUM ION' 'Ca 2'
CL non-polymer 'CHLORIDE ION' 'Cl -1'
CQB non-polymer '(2~{S})-2-[[(2~{S})-4-methyl-1-oxidanyl-1-oxidanylidene-pentan-2-yl]carbamoyloxy]pentanedioic acid' 'C12 H19 N O8'
EDO non-polymer 1,2-ETHANEDIOL 'C2 H6 O2'
MAN D-saccharide, alpha linking alpha-D-mannopyranose 'C6 H12 O6'
NAG D-saccharide, beta linking 2-acetamido-2-deoxy-beta-D-glucopyranose 'C8 H15 N O6'
PGE non-polymer 'TRIETHYLENE GLYCOL' 'C6 H14 O4'
ZN non-polymer 'ZINC ION' 'Zn 2'
#
# COMPACT_ATOMS: atom_id res chain seq x y z
N LYS A 12 -31.88 -11.63 -17.00
CA LYS A 12 -31.84 -11.69 -15.51
C LYS A 12 -30.71 -10.86 -14.86
N HIS A 13 -30.70 -10.84 -13.52
CA HIS A 13 -29.74 -10.07 -12.71
C HIS A 13 -28.78 -10.99 -11.99
N ASN A 14 -27.69 -11.34 -12.68
CA ASN A 14 -26.65 -12.18 -12.11
C ASN A 14 -25.31 -11.46 -12.32
N MET A 15 -24.21 -12.17 -12.05
CA MET A 15 -22.94 -11.49 -12.17
C MET A 15 -22.68 -11.09 -13.62
N LYS A 16 -23.10 -11.94 -14.56
CA LYS A 16 -22.89 -11.62 -15.96
C LYS A 16 -23.57 -10.30 -16.37
N ALA A 17 -24.78 -10.05 -15.87
CA ALA A 17 -25.48 -8.81 -16.14
C ALA A 17 -24.63 -7.63 -15.64
N PHE A 18 -24.14 -7.76 -14.39
CA PHE A 18 -23.28 -6.74 -13.79
C PHE A 18 -22.04 -6.48 -14.65
N LEU A 19 -21.34 -7.55 -15.00
CA LEU A 19 -20.09 -7.43 -15.74
C LEU A 19 -20.26 -6.84 -17.14
N ASP A 20 -21.33 -7.21 -17.81
CA ASP A 20 -21.58 -6.75 -19.20
C ASP A 20 -21.95 -5.28 -19.27
N GLU A 21 -22.47 -4.72 -18.18
CA GLU A 21 -22.80 -3.32 -18.13
C GLU A 21 -21.57 -2.42 -18.06
N LEU A 22 -20.46 -2.93 -17.50
CA LEU A 22 -19.18 -2.17 -17.43
C LEU A 22 -18.65 -1.85 -18.83
N LYS A 23 -18.30 -0.60 -19.10
N LYS A 23 -18.30 -0.59 -19.09
CA LYS A 23 -17.82 -0.21 -20.43
CA LYS A 23 -17.81 -0.18 -20.43
C LYS A 23 -16.50 0.54 -20.34
C LYS A 23 -16.49 0.55 -20.34
N ALA A 24 -15.52 0.08 -21.13
CA ALA A 24 -14.24 0.76 -21.31
C ALA A 24 -14.39 2.26 -21.60
N GLU A 25 -15.36 2.61 -22.45
CA GLU A 25 -15.51 4.01 -22.89
C GLU A 25 -15.97 4.90 -21.73
N ASN A 26 -16.77 4.33 -20.82
CA ASN A 26 -17.15 5.07 -19.61
C ASN A 26 -15.98 5.32 -18.66
N ILE A 27 -15.14 4.30 -18.46
CA ILE A 27 -13.94 4.46 -17.61
C ILE A 27 -13.04 5.57 -18.20
N LYS A 28 -12.88 5.57 -19.53
CA LYS A 28 -12.10 6.60 -20.21
C LYS A 28 -12.65 8.01 -19.95
N LYS A 29 -13.95 8.22 -20.14
N LYS A 29 -13.96 8.18 -20.15
CA LYS A 29 -14.56 9.51 -19.89
CA LYS A 29 -14.69 9.41 -19.90
C LYS A 29 -14.38 9.95 -18.43
C LYS A 29 -14.49 9.93 -18.46
N PHE A 30 -14.56 9.01 -17.50
CA PHE A 30 -14.39 9.35 -16.10
C PHE A 30 -12.93 9.72 -15.78
N LEU A 31 -11.97 8.98 -16.34
CA LEU A 31 -10.58 9.29 -16.10
C LEU A 31 -10.28 10.67 -16.62
N TYR A 32 -10.75 10.99 -17.85
CA TYR A 32 -10.54 12.34 -18.37
C TYR A 32 -11.11 13.38 -17.42
N ASN A 33 -12.34 13.13 -16.94
CA ASN A 33 -13.03 14.08 -16.07
C ASN A 33 -12.29 14.33 -14.72
N PHE A 34 -11.59 13.30 -14.25
CA PHE A 34 -10.96 13.37 -12.91
C PHE A 34 -9.52 13.88 -12.93
N THR A 35 -8.92 14.17 -14.12
CA THR A 35 -7.51 14.44 -14.19
C THR A 35 -7.15 15.77 -14.87
N GLN A 36 -8.12 16.65 -15.00
CA GLN A 36 -7.88 17.97 -15.65
C GLN A 36 -7.20 19.01 -14.77
N ILE A 37 -7.40 18.92 -13.44
CA ILE A 37 -6.78 19.86 -12.48
C ILE A 37 -6.21 19.04 -11.32
N PRO A 38 -5.33 19.63 -10.51
CA PRO A 38 -4.82 18.82 -9.36
C PRO A 38 -5.90 18.61 -8.35
N HIS A 39 -5.86 17.48 -7.63
CA HIS A 39 -6.79 17.25 -6.52
C HIS A 39 -6.04 16.91 -5.22
N LEU A 40 -5.16 17.81 -4.79
CA LEU A 40 -4.34 17.58 -3.60
C LEU A 40 -5.20 17.57 -2.35
N ALA A 41 -4.89 16.63 -1.45
CA ALA A 41 -5.70 16.56 -0.21
C ALA A 41 -5.71 17.91 0.53
N GLY A 42 -6.87 18.25 1.02
CA GLY A 42 -7.12 19.45 1.82
C GLY A 42 -7.30 20.69 0.97
N THR A 43 -7.31 20.56 -0.35
CA THR A 43 -7.52 21.75 -1.19
C THR A 43 -8.96 21.87 -1.65
N GLU A 44 -9.36 23.07 -2.06
CA GLU A 44 -10.72 23.31 -2.50
C GLU A 44 -11.12 22.42 -3.70
N GLN A 45 -10.19 22.22 -4.62
N GLN A 45 -10.20 22.23 -4.65
CA GLN A 45 -10.41 21.44 -5.81
CA GLN A 45 -10.47 21.42 -5.83
C GLN A 45 -10.80 20.00 -5.44
C GLN A 45 -10.79 19.96 -5.46
N ASN A 46 -10.16 19.47 -4.39
CA ASN A 46 -10.42 18.09 -4.00
C ASN A 46 -11.79 17.97 -3.28
N PHE A 47 -12.17 19.02 -2.54
CA PHE A 47 -13.51 19.10 -1.96
C PHE A 47 -14.56 19.19 -3.08
N GLN A 48 -14.33 20.03 -4.11
N GLN A 48 -14.31 20.05 -4.08
CA GLN A 48 -15.31 20.05 -5.21
CA GLN A 48 -15.19 20.14 -5.25
C GLN A 48 -15.45 18.72 -5.91
C GLN A 48 -15.40 18.79 -5.94
N LEU A 49 -14.33 18.00 -6.09
CA LEU A 49 -14.45 16.69 -6.72
C LEU A 49 -15.25 15.73 -5.80
N ALA A 50 -14.97 15.76 -4.50
CA ALA A 50 -15.77 14.97 -3.55
C ALA A 50 -17.27 15.23 -3.72
N LYS A 51 -17.63 16.50 -3.82
CA LYS A 51 -19.04 16.86 -3.98
C LYS A 51 -19.61 16.37 -5.30
N GLN A 52 -18.80 16.42 -6.37
CA GLN A 52 -19.20 15.86 -7.67
C GLN A 52 -19.47 14.35 -7.57
N ILE A 53 -18.54 13.59 -6.98
N ILE A 53 -18.56 13.59 -6.98
CA ILE A 53 -18.68 12.15 -6.80
CA ILE A 53 -18.73 12.15 -6.90
C ILE A 53 -19.95 11.83 -6.03
C ILE A 53 -19.92 11.78 -6.01
N GLN A 54 -20.15 12.54 -4.93
CA GLN A 54 -21.32 12.31 -4.09
C GLN A 54 -22.61 12.47 -4.94
N SER A 55 -22.67 13.57 -5.70
N SER A 55 -22.68 13.57 -5.70
CA SER A 55 -23.86 13.83 -6.55
CA SER A 55 -23.84 13.85 -6.60
C SER A 55 -24.08 12.73 -7.59
C SER A 55 -24.08 12.72 -7.58
N GLN A 56 -22.99 12.30 -8.24
CA GLN A 56 -23.08 11.29 -9.28
C GLN A 56 -23.43 9.93 -8.73
N TRP A 57 -22.85 9.56 -7.58
CA TRP A 57 -23.24 8.30 -7.00
C TRP A 57 -24.71 8.27 -6.60
N LYS A 58 -25.24 9.41 -6.15
CA LYS A 58 -26.71 9.49 -5.88
C LYS A 58 -27.50 9.27 -7.19
N GLU A 59 -27.13 9.98 -8.26
N GLU A 59 -27.11 10.01 -8.23
CA GLU A 59 -27.81 9.82 -9.55
CA GLU A 59 -27.67 9.90 -9.60
C GLU A 59 -27.63 8.41 -10.14
C GLU A 59 -27.64 8.43 -10.05
N PHE A 60 -26.49 7.77 -9.83
CA PHE A 60 -26.27 6.38 -10.30
C PHE A 60 -27.20 5.38 -9.58
N GLY A 61 -27.75 5.76 -8.41
CA GLY A 61 -28.80 5.01 -7.77
C GLY A 61 -28.50 4.48 -6.39
N LEU A 62 -27.39 4.92 -5.75
CA LEU A 62 -27.10 4.40 -4.39
C LEU A 62 -28.16 4.87 -3.41
N ASP A 63 -28.45 4.08 -2.36
CA ASP A 63 -29.45 4.45 -1.37
C ASP A 63 -29.13 5.70 -0.59
N SER A 64 -27.86 5.89 -0.24
CA SER A 64 -27.41 7.03 0.57
C SER A 64 -25.94 7.31 0.17
N VAL A 65 -25.57 8.59 0.11
CA VAL A 65 -24.21 8.98 -0.23
C VAL A 65 -23.90 10.22 0.63
N GLU A 66 -22.94 10.04 1.56
CA GLU A 66 -22.62 11.09 2.53
C GLU A 66 -21.14 11.47 2.46
N LEU A 67 -20.80 12.67 2.91
CA LEU A 67 -19.36 12.97 3.06
C LEU A 67 -19.05 12.76 4.55
N ALA A 68 -17.93 12.15 4.85
CA ALA A 68 -17.47 12.01 6.24
C ALA A 68 -16.20 12.80 6.28
N HIS A 69 -16.16 13.85 7.08
CA HIS A 69 -14.98 14.73 7.11
C HIS A 69 -14.23 14.61 8.44
N TYR A 70 -12.93 14.92 8.39
CA TYR A 70 -12.04 14.85 9.56
C TYR A 70 -11.07 16.01 9.44
N ASP A 71 -10.46 16.43 10.56
CA ASP A 71 -9.45 17.54 10.52
C ASP A 71 -8.13 16.94 10.96
N VAL A 72 -7.26 16.69 9.98
CA VAL A 72 -6.04 15.88 10.19
C VAL A 72 -4.78 16.70 9.88
N LEU A 73 -3.64 16.24 10.39
CA LEU A 73 -2.38 16.94 10.10
C LEU A 73 -1.93 16.67 8.67
N LEU A 74 -1.79 17.74 7.88
CA LEU A 74 -1.26 17.62 6.50
C LEU A 74 -0.01 18.48 6.44
N SER A 75 0.62 18.55 5.27
CA SER A 75 1.91 19.23 5.13
C SER A 75 1.97 19.81 3.74
N TYR A 76 2.42 21.08 3.66
CA TYR A 76 2.51 21.75 2.37
C TYR A 76 3.76 22.64 2.31
N PRO A 77 4.33 22.79 1.12
CA PRO A 77 5.43 23.78 1.04
C PRO A 77 4.93 25.19 1.25
N ASN A 78 5.86 26.09 1.58
CA ASN A 78 5.52 27.52 1.76
C ASN A 78 5.61 28.17 0.36
N LYS A 79 4.48 28.69 -0.11
CA LYS A 79 4.35 29.28 -1.47
C LYS A 79 5.31 30.44 -1.73
N THR A 80 5.59 31.20 -0.70
CA THR A 80 6.47 32.38 -0.84
C THR A 80 7.90 32.17 -0.29
N HIS A 81 8.25 30.93 0.07
CA HIS A 81 9.59 30.59 0.59
C HIS A 81 9.96 29.17 0.13
N PRO A 82 10.34 29.00 -1.13
CA PRO A 82 10.44 27.63 -1.71
C PRO A 82 11.56 26.79 -1.16
N ASN A 83 11.34 25.48 -1.19
CA ASN A 83 12.32 24.50 -0.77
C ASN A 83 13.33 24.31 -1.89
N TYR A 84 14.60 24.20 -1.52
CA TYR A 84 15.64 23.85 -2.52
C TYR A 84 16.91 23.39 -1.82
N ILE A 85 17.83 22.81 -2.61
CA ILE A 85 19.11 22.37 -2.08
C ILE A 85 20.21 23.14 -2.86
N SER A 86 21.28 23.48 -2.16
CA SER A 86 22.45 24.11 -2.82
C SER A 86 23.72 23.36 -2.60
N ILE A 87 24.68 23.56 -3.54
CA ILE A 87 26.08 23.40 -3.21
C ILE A 87 26.58 24.82 -2.87
N ILE A 88 27.24 24.92 -1.73
CA ILE A 88 27.66 26.19 -1.19
C ILE A 88 29.21 26.14 -1.14
N ASN A 89 29.89 27.20 -1.57
CA ASN A 89 31.38 27.23 -1.42
C ASN A 89 31.78 27.79 -0.04
N GLU A 90 33.09 27.80 0.23
CA GLU A 90 33.63 28.19 1.55
C GLU A 90 33.31 29.63 1.99
N ASP A 91 33.03 30.51 1.03
CA ASP A 91 32.52 31.86 1.29
C ASP A 91 31.06 31.85 1.72
N GLY A 92 30.35 30.77 1.41
CA GLY A 92 28.92 30.71 1.61
C GLY A 92 28.15 31.19 0.40
N ASN A 93 28.77 31.16 -0.79
CA ASN A 93 28.02 31.43 -2.01
C ASN A 93 27.34 30.15 -2.51
N GLU A 94 26.09 30.28 -2.93
CA GLU A 94 25.34 29.14 -3.46
C GLU A 94 25.60 29.03 -4.93
N ILE A 95 26.47 28.07 -5.27
CA ILE A 95 26.97 27.93 -6.64
C ILE A 95 26.14 27.01 -7.53
N PHE A 96 25.25 26.23 -6.93
CA PHE A 96 24.34 25.40 -7.68
C PHE A 96 23.07 25.31 -6.85
N ASN A 97 21.91 25.50 -7.48
CA ASN A 97 20.59 25.32 -6.81
C ASN A 97 19.76 24.30 -7.53
N THR A 98 19.08 23.42 -6.77
CA THR A 98 18.16 22.48 -7.42
C THR A 98 16.91 23.24 -7.89
N SER A 99 16.12 22.59 -8.75
N SER A 99 16.11 22.57 -8.73
CA SER A 99 15.00 23.26 -9.42
CA SER A 99 14.95 23.22 -9.35
C SER A 99 13.83 23.51 -8.45
C SER A 99 13.91 23.63 -8.31
N LEU A 100 13.12 24.63 -8.64
CA LEU A 100 12.00 25.01 -7.76
C LEU A 100 10.68 24.34 -8.17
N PHE A 101 10.64 23.71 -9.35
CA PHE A 101 9.43 23.04 -9.88
C PHE A 101 9.81 22.14 -11.03
N GLU A 102 8.93 21.18 -11.35
CA GLU A 102 9.10 20.33 -12.54
C GLU A 102 8.59 21.10 -13.76
N PRO A 103 9.30 21.01 -14.91
CA PRO A 103 8.74 21.68 -16.09
C PRO A 103 7.35 21.11 -16.45
N PRO A 104 6.30 21.95 -16.50
CA PRO A 104 5.00 21.33 -16.69
C PRO A 104 4.81 20.72 -18.06
N PRO A 105 4.02 19.63 -18.15
CA PRO A 105 3.84 18.96 -19.44
C PRO A 105 3.06 19.80 -20.48
N PRO A 106 3.17 19.39 -21.77
CA PRO A 106 2.53 20.19 -22.83
C PRO A 106 1.04 20.49 -22.61
N GLY A 107 0.68 21.76 -22.68
CA GLY A 107 -0.70 22.17 -22.56
C GLY A 107 -1.17 22.34 -21.12
N TYR A 108 -0.30 22.04 -20.16
CA TYR A 108 -0.58 22.26 -18.72
C TYR A 108 0.31 23.31 -18.13
N GLU A 109 1.07 24.02 -18.98
CA GLU A 109 2.03 25.00 -18.49
C GLU A 109 1.34 26.21 -17.80
N ASN A 110 0.01 26.34 -17.98
CA ASN A 110 -0.78 27.42 -17.33
C ASN A 110 -1.75 26.93 -16.22
N VAL A 111 -1.69 25.65 -15.89
CA VAL A 111 -2.46 25.12 -14.78
C VAL A 111 -1.88 25.69 -13.46
N SER A 112 -2.76 26.27 -12.64
N SER A 112 -2.77 26.25 -12.64
CA SER A 112 -2.36 26.78 -11.33
CA SER A 112 -2.42 26.80 -11.34
C SER A 112 -2.40 25.67 -10.26
C SER A 112 -2.39 25.69 -10.27
N ASP A 113 -1.72 25.96 -9.15
CA ASP A 113 -1.77 25.12 -7.96
C ASP A 113 -1.19 23.74 -8.16
N ILE A 114 -0.23 23.60 -9.07
CA ILE A 114 0.60 22.39 -9.06
C ILE A 114 1.55 22.48 -7.88
N VAL A 115 1.43 21.56 -6.92
CA VAL A 115 2.33 21.62 -5.78
C VAL A 115 3.76 21.24 -6.21
N PRO A 116 4.76 22.07 -5.85
CA PRO A 116 6.15 21.72 -6.27
C PRO A 116 6.59 20.47 -5.52
N PRO A 117 7.58 19.76 -6.08
CA PRO A 117 8.08 18.56 -5.38
C PRO A 117 8.54 18.88 -3.94
N PHE A 118 8.10 18.03 -3.02
CA PHE A 118 8.53 18.16 -1.63
C PHE A 118 8.26 16.81 -0.96
N SER A 119 8.86 16.65 0.23
CA SER A 119 8.62 15.44 1.06
C SER A 119 7.67 15.83 2.16
N ALA A 120 6.44 15.31 2.05
CA ALA A 120 5.40 15.71 3.02
C ALA A 120 5.80 15.29 4.40
N PHE A 121 5.66 16.24 5.34
CA PHE A 121 5.90 16.13 6.78
C PHE A 121 7.37 16.36 7.15
N SER A 122 8.24 16.67 6.19
CA SER A 122 9.59 17.13 6.56
C SER A 122 9.52 18.26 7.61
N PRO A 123 10.38 18.20 8.66
CA PRO A 123 10.51 19.45 9.45
C PRO A 123 11.25 20.54 8.68
N GLN A 124 11.19 21.76 9.21
CA GLN A 124 11.92 22.89 8.60
C GLN A 124 13.35 22.82 9.03
N GLY A 125 14.26 23.36 8.21
CA GLY A 125 15.63 23.51 8.67
C GLY A 125 16.51 23.92 7.52
N MET A 126 17.74 24.30 7.85
N MET A 126 17.73 24.37 7.82
CA MET A 126 18.72 24.70 6.85
CA MET A 126 18.70 24.63 6.76
C MET A 126 20.06 23.96 7.01
C MET A 126 20.03 23.97 7.07
N PRO A 127 20.05 22.63 7.22
CA PRO A 127 21.30 21.91 7.53
C PRO A 127 22.30 22.00 6.36
N GLU A 128 23.58 22.06 6.72
CA GLU A 128 24.67 22.21 5.77
C GLU A 128 25.75 21.23 6.16
N GLY A 129 26.25 20.46 5.22
CA GLY A 129 27.23 19.45 5.56
C GLY A 129 27.78 18.70 4.38
N ASP A 130 28.51 17.62 4.69
CA ASP A 130 29.10 16.74 3.68
C ASP A 130 28.11 15.64 3.35
N LEU A 131 28.09 15.25 2.08
CA LEU A 131 27.21 14.16 1.63
C LEU A 131 27.78 12.79 1.87
N VAL A 132 26.92 11.83 2.25
CA VAL A 132 27.26 10.41 2.11
C VAL A 132 26.17 9.82 1.22
N TYR A 133 26.58 9.02 0.24
CA TYR A 133 25.67 8.28 -0.63
C TYR A 133 25.40 6.91 -0.04
N VAL A 134 24.10 6.62 0.18
CA VAL A 134 23.69 5.43 0.95
C VAL A 134 22.88 4.42 0.11
N ASN A 135 23.06 4.46 -1.22
CA ASN A 135 22.35 3.58 -2.16
C ASN A 135 20.81 3.78 -1.97
N TYR A 136 20.09 2.70 -1.68
CA TYR A 136 18.65 2.84 -1.48
C TYR A 136 18.27 3.12 -0.04
N ALA A 137 19.26 3.35 0.83
CA ALA A 137 19.01 3.67 2.25
C ALA A 137 18.19 2.56 2.95
N ARG A 138 18.33 1.33 2.46
CA ARG A 138 17.76 0.15 3.13
C ARG A 138 18.56 -0.23 4.38
N THR A 139 17.94 -1.04 5.25
CA THR A 139 18.60 -1.51 6.44
C THR A 139 19.97 -2.14 6.08
N GLU A 140 19.99 -2.97 5.05
CA GLU A 140 21.23 -3.65 4.66
C GLU A 140 22.23 -2.67 4.03
N ASP A 141 21.73 -1.57 3.45
CA ASP A 141 22.69 -0.56 2.91
C ASP A 141 23.43 0.15 4.05
N PHE A 142 22.69 0.46 5.13
CA PHE A 142 23.31 1.06 6.29
C PHE A 142 24.22 0.07 7.06
N PHE A 143 23.86 -1.22 7.05
CA PHE A 143 24.72 -2.28 7.62
C PHE A 143 26.08 -2.31 6.88
N LYS A 144 26.02 -2.26 5.54
CA LYS A 144 27.21 -2.30 4.69
C LYS A 144 28.08 -1.06 4.95
N LEU A 145 27.46 0.10 5.02
CA LEU A 145 28.21 1.33 5.32
C LEU A 145 28.91 1.33 6.67
N GLU A 146 28.16 0.97 7.70
N GLU A 146 28.14 1.09 7.74
CA GLU A 146 28.60 1.15 9.07
CA GLU A 146 28.69 1.16 9.11
C GLU A 146 29.39 0.00 9.64
C GLU A 146 29.61 -0.02 9.38
N ARG A 147 29.07 -1.22 9.21
CA ARG A 147 29.70 -2.44 9.70
C ARG A 147 30.88 -2.84 8.85
N ASP A 148 30.71 -2.81 7.53
CA ASP A 148 31.76 -3.26 6.61
C ASP A 148 32.69 -2.16 6.14
N MET A 149 32.14 -0.99 5.82
CA MET A 149 32.95 0.04 5.20
C MET A 149 33.43 1.05 6.23
N LYS A 150 32.85 0.99 7.43
CA LYS A 150 33.18 1.84 8.59
C LYS A 150 33.02 3.33 8.32
N ILE A 151 31.96 3.67 7.56
CA ILE A 151 31.66 5.06 7.27
C ILE A 151 30.59 5.52 8.27
N ASN A 152 30.82 6.65 8.90
CA ASN A 152 29.96 7.16 9.95
C ASN A 152 29.03 8.23 9.34
N CYS A 153 27.69 8.03 9.40
CA CYS A 153 26.78 9.04 8.89
C CYS A 153 26.41 10.17 9.84
N SER A 154 26.91 10.11 11.07
N SER A 154 26.93 10.14 11.06
CA SER A 154 26.58 11.11 12.07
CA SER A 154 26.57 11.12 12.08
C SER A 154 26.92 12.51 11.58
C SER A 154 26.94 12.56 11.74
N GLY A 155 25.93 13.40 11.61
CA GLY A 155 26.11 14.80 11.22
C GLY A 155 26.34 15.00 9.73
N LYS A 156 26.15 13.96 8.91
CA LYS A 156 26.23 14.06 7.44
C LYS A 156 24.84 14.28 6.82
N ILE A 157 24.82 14.82 5.60
CA ILE A 157 23.59 14.81 4.79
C ILE A 157 23.63 13.56 3.95
N VAL A 158 22.59 12.71 4.02
CA VAL A 158 22.64 11.53 3.18
C VAL A 158 21.88 11.73 1.90
N ILE A 159 22.43 11.18 0.83
CA ILE A 159 21.73 11.14 -0.45
C ILE A 159 21.45 9.70 -0.86
N ALA A 160 20.17 9.44 -1.15
CA ALA A 160 19.66 8.09 -1.36
C ALA A 160 18.82 8.09 -2.62
N ARG A 161 18.99 7.03 -3.42
CA ARG A 161 18.12 6.83 -4.54
C ARG A 161 16.78 6.21 -4.11
N TYR A 162 15.70 6.73 -4.69
CA TYR A 162 14.38 6.13 -4.51
C TYR A 162 14.39 4.71 -5.05
N GLY A 163 13.55 3.84 -4.51
CA GLY A 163 13.35 2.49 -5.09
C GLY A 163 13.41 1.45 -4.00
N LYS A 164 12.91 0.27 -4.33
CA LYS A 164 13.04 -0.96 -3.46
C LYS A 164 12.22 -0.95 -2.17
N VAL A 165 12.22 0.16 -1.44
CA VAL A 165 11.48 0.22 -0.15
C VAL A 165 10.76 1.54 -0.04
N PHE A 166 9.73 1.57 0.82
CA PHE A 166 9.06 2.83 1.08
C PHE A 166 9.97 3.92 1.62
N ARG A 167 9.78 5.13 1.09
CA ARG A 167 10.74 6.23 1.40
C ARG A 167 10.74 6.61 2.88
N GLY A 168 9.61 6.36 3.59
CA GLY A 168 9.55 6.59 5.07
C GLY A 168 10.59 5.70 5.80
N ASN A 169 10.78 4.46 5.33
CA ASN A 169 11.79 3.60 5.90
C ASN A 169 13.21 4.09 5.64
N LYS A 170 13.47 4.61 4.44
CA LYS A 170 14.78 5.24 4.12
C LYS A 170 15.08 6.37 5.12
N VAL A 171 14.07 7.21 5.40
CA VAL A 171 14.26 8.34 6.28
C VAL A 171 14.49 7.86 7.71
N LYS A 172 13.68 6.91 8.17
CA LYS A 172 13.88 6.34 9.51
C LYS A 172 15.30 5.77 9.64
N ASN A 173 15.74 5.05 8.62
CA ASN A 173 17.07 4.45 8.67
C ASN A 173 18.14 5.54 8.69
N ALA A 174 17.98 6.59 7.91
CA ALA A 174 18.97 7.70 7.88
C ALA A 174 19.02 8.40 9.24
N GLN A 175 17.85 8.56 9.84
N GLN A 175 17.86 8.61 9.85
CA GLN A 175 17.74 9.25 11.11
CA GLN A 175 17.81 9.25 11.16
C GLN A 175 18.45 8.45 12.22
C GLN A 175 18.55 8.43 12.20
N LEU A 176 18.31 7.12 12.21
CA LEU A 176 18.91 6.25 13.22
C LEU A 176 20.40 6.11 12.99
N ALA A 177 20.85 6.38 11.75
CA ALA A 177 22.28 6.47 11.47
C ALA A 177 22.87 7.82 11.90
N GLY A 178 22.07 8.75 12.39
CA GLY A 178 22.56 10.05 12.84
C GLY A 178 22.66 11.13 11.75
N ALA A 179 22.08 10.87 10.56
CA ALA A 179 22.08 11.87 9.47
C ALA A 179 21.43 13.16 9.91
N LYS A 180 21.86 14.29 9.33
CA LYS A 180 21.16 15.51 9.68
C LYS A 180 20.25 16.03 8.57
N GLY A 181 20.16 15.27 7.49
CA GLY A 181 19.25 15.63 6.40
C GLY A 181 19.28 14.49 5.43
N VAL A 182 18.24 14.41 4.61
CA VAL A 182 18.18 13.37 3.58
C VAL A 182 17.77 14.01 2.26
N ILE A 183 18.49 13.65 1.20
CA ILE A 183 18.12 13.99 -0.16
C ILE A 183 17.73 12.70 -0.91
N LEU A 184 16.50 12.67 -1.48
CA LEU A 184 16.01 11.51 -2.22
C LEU A 184 16.04 11.89 -3.70
N TYR A 185 16.43 10.95 -4.56
CA TYR A 185 16.40 11.26 -5.99
C TYR A 185 16.04 10.04 -6.81
N SER A 186 15.52 10.26 -8.03
CA SER A 186 15.14 9.15 -8.91
C SER A 186 16.30 8.86 -9.84
N ASP A 187 16.89 7.69 -9.72
CA ASP A 187 18.00 7.31 -10.61
C ASP A 187 17.40 6.73 -11.88
N PRO A 188 18.00 7.03 -13.07
CA PRO A 188 17.51 6.41 -14.29
C PRO A 188 17.63 4.90 -14.24
N ALA A 189 18.52 4.34 -13.42
CA ALA A 189 18.52 2.86 -13.28
C ALA A 189 17.15 2.28 -12.88
N ASP A 190 16.43 3.04 -12.07
CA ASP A 190 15.16 2.58 -11.47
C ASP A 190 13.93 3.20 -12.12
N TYR A 191 14.09 4.33 -12.80
CA TYR A 191 12.95 5.07 -13.31
C TYR A 191 13.06 5.44 -14.79
N PHE A 192 13.96 4.75 -15.54
CA PHE A 192 14.09 5.05 -16.99
C PHE A 192 14.32 3.70 -17.68
N ALA A 193 13.27 3.17 -18.27
CA ALA A 193 13.34 1.86 -18.91
C ALA A 193 14.12 2.02 -20.22
N PRO A 194 15.13 1.14 -20.46
CA PRO A 194 15.91 1.27 -21.72
C PRO A 194 15.05 1.17 -23.00
N GLY A 195 15.33 2.08 -23.94
CA GLY A 195 14.65 2.10 -25.21
C GLY A 195 13.31 2.76 -25.29
N VAL A 196 12.85 3.36 -24.18
N VAL A 196 12.89 3.40 -24.19
CA VAL A 196 11.62 4.15 -24.22
CA VAL A 196 11.62 4.12 -24.10
C VAL A 196 11.94 5.61 -23.98
C VAL A 196 11.92 5.62 -23.91
N LYS A 197 11.15 6.48 -24.59
CA LYS A 197 11.38 7.91 -24.53
C LYS A 197 10.80 8.50 -23.25
N SER A 198 11.36 9.61 -22.80
CA SER A 198 10.83 10.44 -21.70
C SER A 198 9.49 11.03 -22.07
N TYR A 199 8.63 11.27 -21.07
CA TYR A 199 7.41 12.03 -21.28
C TYR A 199 7.76 13.39 -21.88
N PRO A 200 6.98 13.89 -22.84
CA PRO A 200 5.69 13.49 -23.39
C PRO A 200 5.74 12.45 -24.53
N ASP A 201 6.93 12.03 -24.90
CA ASP A 201 7.09 11.13 -26.08
C ASP A 201 7.09 9.67 -25.72
N GLY A 202 7.09 9.36 -24.41
CA GLY A 202 7.01 7.97 -23.95
C GLY A 202 6.74 8.01 -22.46
N TRP A 203 6.86 6.87 -21.79
CA TRP A 203 6.41 6.82 -20.36
C TRP A 203 7.55 6.92 -19.35
N ASN A 204 8.74 7.30 -19.82
CA ASN A 204 9.88 7.43 -18.93
C ASN A 204 9.96 8.76 -18.18
N LEU A 205 10.66 8.78 -17.04
CA LEU A 205 10.83 9.99 -16.26
C LEU A 205 11.90 10.86 -16.94
N PRO A 206 11.58 12.12 -17.23
CA PRO A 206 12.63 13.09 -17.65
C PRO A 206 13.53 13.50 -16.50
N GLY A 207 14.67 14.12 -16.82
CA GLY A 207 15.65 14.48 -15.80
C GLY A 207 15.17 15.54 -14.84
N GLY A 208 14.16 16.32 -15.24
CA GLY A 208 13.53 17.34 -14.39
C GLY A 208 12.36 16.80 -13.59
N GLY A 209 11.98 15.54 -13.84
CA GLY A 209 10.82 14.94 -13.12
C GLY A 209 11.22 14.57 -11.69
N VAL A 210 10.26 14.68 -10.76
CA VAL A 210 10.55 14.42 -9.35
C VAL A 210 9.36 13.69 -8.72
N GLN A 211 9.67 12.68 -7.91
CA GLN A 211 8.63 11.91 -7.22
C GLN A 211 8.33 12.57 -5.87
N ARG A 212 7.09 13.03 -5.70
CA ARG A 212 6.57 13.52 -4.40
C ARG A 212 6.25 12.31 -3.49
N GLY A 213 6.08 12.57 -2.20
CA GLY A 213 5.55 11.47 -1.34
C GLY A 213 5.85 11.74 0.12
N ASN A 214 4.94 11.25 0.98
CA ASN A 214 5.16 11.50 2.41
C ASN A 214 6.28 10.57 2.94
N ILE A 215 6.88 10.98 4.05
CA ILE A 215 8.00 10.25 4.66
C ILE A 215 7.68 9.93 6.14
N LEU A 216 6.40 9.73 6.44
CA LEU A 216 6.03 9.33 7.81
C LEU A 216 6.35 7.87 8.08
N ASN A 217 6.41 7.55 9.38
CA ASN A 217 6.44 6.18 9.86
C ASN A 217 5.31 5.99 10.86
N LEU A 218 4.10 5.91 10.33
CA LEU A 218 2.93 5.87 11.18
C LEU A 218 2.66 4.50 11.76
N ASN A 219 3.11 3.43 11.12
CA ASN A 219 2.79 2.05 11.58
C ASN A 219 1.30 1.83 11.81
N GLY A 220 0.48 2.42 10.93
CA GLY A 220 -0.95 2.15 11.04
C GLY A 220 -1.74 3.16 11.82
N ALA A 221 -1.10 4.21 12.34
CA ALA A 221 -1.82 5.07 13.32
C ALA A 221 -2.87 6.01 12.71
N GLY A 222 -2.76 6.33 11.44
CA GLY A 222 -3.64 7.34 10.82
C GLY A 222 -3.15 8.76 11.12
N ASP A 223 -4.07 9.72 11.31
CA ASP A 223 -3.65 11.11 11.67
C ASP A 223 -2.62 11.10 12.78
N PRO A 224 -1.48 11.74 12.55
CA PRO A 224 -0.42 11.72 13.54
C PRO A 224 -0.87 12.28 14.90
N LEU A 225 -1.89 13.14 14.91
CA LEU A 225 -2.31 13.77 16.18
C LEU A 225 -3.38 13.04 17.01
N THR A 226 -4.05 12.04 16.42
CA THR A 226 -5.21 11.39 17.08
C THR A 226 -5.18 9.85 17.03
N PRO A 227 -4.03 9.22 17.31
CA PRO A 227 -3.95 7.74 17.17
C PRO A 227 -5.02 7.06 18.03
N GLY A 228 -5.82 6.18 17.41
CA GLY A 228 -6.83 5.39 18.12
C GLY A 228 -8.23 5.90 17.95
N TYR A 229 -8.39 7.21 17.63
CA TYR A 229 -9.73 7.81 17.66
C TYR A 229 -9.91 8.72 16.44
N PRO A 230 -11.16 8.89 15.94
CA PRO A 230 -11.33 9.75 14.77
C PRO A 230 -11.07 11.24 15.08
N ALA A 231 -10.46 11.90 14.10
CA ALA A 231 -10.16 13.33 14.20
C ALA A 231 -11.42 14.14 13.87
N ASN A 232 -12.43 13.99 14.74
CA ASN A 232 -13.72 14.67 14.59
C ASN A 232 -13.64 16.07 15.21
N GLU A 233 -14.81 16.73 15.34
CA GLU A 233 -14.83 18.14 15.77
C GLU A 233 -14.37 18.36 17.20
N TYR A 234 -14.55 17.36 18.06
CA TYR A 234 -14.19 17.57 19.48
C TYR A 234 -12.95 16.80 19.87
N ALA A 235 -12.16 16.36 18.88
CA ALA A 235 -11.03 15.48 19.19
C ALA A 235 -9.99 16.21 20.02
N TYR A 236 -9.36 15.54 20.97
N TYR A 236 -9.39 15.45 20.94
CA TYR A 236 -8.25 16.15 21.68
CA TYR A 236 -8.11 15.75 21.58
C TYR A 236 -6.99 15.70 20.97
C TYR A 236 -7.05 15.50 20.55
N ARG A 237 -6.20 16.67 20.50
N ARG A 237 -6.10 16.42 20.50
CA ARG A 237 -4.98 16.37 19.72
CA ARG A 237 -5.03 16.22 19.57
C ARG A 237 -3.75 16.27 20.57
C ARG A 237 -3.72 16.42 20.29
N ARG A 238 -2.83 15.42 20.17
CA ARG A 238 -1.46 15.50 20.70
C ARG A 238 -0.80 16.81 20.20
N GLY A 239 0.12 17.31 21.04
CA GLY A 239 1.06 18.34 20.58
C GLY A 239 1.98 17.72 19.54
N ILE A 240 2.55 18.58 18.69
CA ILE A 240 3.46 18.13 17.63
C ILE A 240 4.60 17.30 18.14
N ALA A 241 5.15 17.64 19.31
CA ALA A 241 6.27 16.88 19.85
C ALA A 241 5.88 15.45 20.19
N GLU A 242 4.59 15.16 20.39
CA GLU A 242 4.18 13.79 20.75
C GLU A 242 3.44 13.12 19.57
N ALA A 243 3.39 13.79 18.43
CA ALA A 243 2.71 13.25 17.24
C ALA A 243 3.34 11.94 16.86
N VAL A 244 2.57 11.09 16.21
CA VAL A 244 3.11 9.82 15.70
C VAL A 244 3.78 10.00 14.34
N GLY A 245 5.01 9.49 14.24
CA GLY A 245 5.60 9.13 12.94
C GLY A 245 6.28 10.25 12.16
N LEU A 246 6.42 11.41 12.79
CA LEU A 246 7.07 12.54 12.07
C LEU A 246 8.59 12.40 12.04
N PRO A 247 9.20 12.78 10.91
CA PRO A 247 10.66 12.70 10.83
C PRO A 247 11.31 13.85 11.61
N SER A 248 12.53 13.62 12.08
N SER A 248 12.53 13.64 12.07
CA SER A 248 13.23 14.61 12.92
CA SER A 248 13.22 14.63 12.90
C SER A 248 14.22 15.45 12.12
C SER A 248 14.35 15.33 12.16
N ILE A 249 14.46 15.04 10.87
CA ILE A 249 15.47 15.70 10.02
C ILE A 249 14.84 16.14 8.71
N PRO A 250 15.32 17.24 8.12
CA PRO A 250 14.74 17.67 6.84
C PRO A 250 15.04 16.73 5.67
N VAL A 251 14.07 16.64 4.76
CA VAL A 251 14.10 15.72 3.63
C VAL A 251 13.52 16.40 2.39
N HIS A 252 14.12 16.13 1.22
CA HIS A 252 13.65 16.76 -0.01
C HIS A 252 13.96 15.88 -1.20
N PRO A 253 13.02 15.76 -2.17
CA PRO A 253 13.32 14.93 -3.33
C PRO A 253 13.71 15.80 -4.55
N ILE A 254 14.57 15.20 -5.39
CA ILE A 254 15.06 15.85 -6.62
C ILE A 254 15.08 14.84 -7.81
N GLY A 255 15.17 15.39 -9.04
CA GLY A 255 15.31 14.62 -10.26
C GLY A 255 16.77 14.30 -10.57
N TYR A 256 16.98 13.51 -11.60
CA TYR A 256 18.32 13.05 -11.86
C TYR A 256 19.21 14.08 -12.56
N TYR A 257 18.67 15.10 -13.23
CA TYR A 257 19.59 16.21 -13.64
C TYR A 257 20.26 16.87 -12.44
N ASP A 258 19.46 17.18 -11.42
CA ASP A 258 19.98 17.78 -10.20
C ASP A 258 20.84 16.82 -9.39
N ALA A 259 20.43 15.55 -9.33
CA ALA A 259 21.22 14.55 -8.60
C ALA A 259 22.60 14.38 -9.19
N GLN A 260 22.67 14.44 -10.51
CA GLN A 260 23.99 14.34 -11.17
C GLN A 260 24.96 15.46 -10.70
N LYS A 261 24.43 16.68 -10.54
N LYS A 261 24.44 16.68 -10.57
CA LYS A 261 25.18 17.83 -10.04
CA LYS A 261 25.25 17.77 -10.06
C LYS A 261 25.57 17.78 -8.56
C LYS A 261 25.76 17.47 -8.64
N LEU A 262 24.91 16.95 -7.77
CA LEU A 262 25.31 16.67 -6.37
C LEU A 262 26.23 15.46 -6.27
N LEU A 263 26.08 14.47 -7.15
CA LEU A 263 26.84 13.24 -7.02
C LEU A 263 28.19 13.36 -7.72
N GLU A 264 28.26 14.17 -8.78
CA GLU A 264 29.47 14.14 -9.65
C GLU A 264 30.77 14.47 -8.92
N LYS A 265 30.69 15.33 -7.92
CA LYS A 265 31.87 15.71 -7.15
C LYS A 265 32.21 14.81 -5.96
N MET A 266 31.37 13.78 -5.67
CA MET A 266 31.63 12.97 -4.48
CA MET A 266 31.58 12.86 -4.52
C MET A 266 32.97 12.20 -4.47
N GLY A 267 33.61 12.24 -3.29
CA GLY A 267 34.92 11.61 -3.05
C GLY A 267 34.82 10.48 -2.04
N GLY A 268 35.82 10.39 -1.15
CA GLY A 268 35.88 9.31 -0.16
C GLY A 268 35.90 7.94 -0.80
N SER A 269 35.28 6.95 -0.16
CA SER A 269 35.37 5.57 -0.64
C SER A 269 34.58 5.32 -1.92
N ALA A 270 35.11 4.41 -2.74
CA ALA A 270 34.44 3.90 -3.93
C ALA A 270 33.14 3.16 -3.50
N PRO A 271 32.17 2.96 -4.45
CA PRO A 271 30.99 2.10 -4.13
C PRO A 271 31.50 0.69 -3.81
N PRO A 272 30.86 -0.02 -2.88
CA PRO A 272 31.44 -1.31 -2.47
C PRO A 272 31.29 -2.43 -3.50
N ASP A 273 30.38 -2.24 -4.45
CA ASP A 273 30.13 -3.18 -5.56
C ASP A 273 29.15 -2.57 -6.55
N SER A 274 28.88 -3.28 -7.64
CA SER A 274 28.02 -2.78 -8.71
C SER A 274 26.52 -2.59 -8.32
N SER A 275 26.03 -3.26 -7.28
CA SER A 275 24.62 -3.08 -6.85
C SER A 275 24.40 -1.68 -6.21
N TRP A 276 25.49 -0.96 -5.95
CA TRP A 276 25.46 0.43 -5.47
C TRP A 276 25.52 1.51 -6.57
N ARG A 277 25.79 1.10 -7.81
N ARG A 277 25.77 1.09 -7.81
CA ARG A 277 25.93 2.05 -8.92
CA ARG A 277 25.90 2.00 -8.94
C ARG A 277 24.65 2.08 -9.76
C ARG A 277 24.59 2.07 -9.71
N GLY A 278 24.09 3.28 -9.92
CA GLY A 278 22.96 3.50 -10.82
C GLY A 278 23.49 3.75 -12.23
N SER A 279 22.73 4.49 -13.05
CA SER A 279 23.03 4.64 -14.46
C SER A 279 23.57 6.02 -14.85
N LEU A 280 23.72 6.94 -13.90
CA LEU A 280 24.27 8.26 -14.22
C LEU A 280 25.77 8.14 -14.44
N LYS A 281 26.30 9.10 -15.19
CA LYS A 281 27.73 9.14 -15.48
C LYS A 281 28.52 9.74 -14.34
N VAL A 282 28.49 9.06 -13.19
CA VAL A 282 29.18 9.48 -11.98
C VAL A 282 29.80 8.23 -11.34
N PRO A 283 30.80 8.39 -10.44
CA PRO A 283 31.41 7.18 -9.86
C PRO A 283 30.56 6.45 -8.82
N TYR A 284 29.55 7.12 -8.27
CA TYR A 284 28.77 6.60 -7.12
C TYR A 284 29.67 6.36 -5.89
N ASN A 285 30.62 7.29 -5.66
CA ASN A 285 31.45 7.25 -4.46
C ASN A 285 30.56 7.48 -3.26
N VAL A 286 30.90 6.86 -2.14
CA VAL A 286 30.05 6.91 -0.96
C VAL A 286 30.33 8.18 -0.15
N GLY A 287 31.51 8.77 -0.36
CA GLY A 287 31.91 9.93 0.44
C GLY A 287 32.56 9.45 1.72
N PRO A 288 32.47 10.24 2.80
CA PRO A 288 31.77 11.52 2.92
C PRO A 288 32.45 12.61 2.11
N GLY A 289 31.67 13.62 1.72
CA GLY A 289 32.21 14.82 1.08
C GLY A 289 32.68 14.63 -0.35
N PHE A 290 33.20 15.72 -0.89
CA PHE A 290 33.60 15.82 -2.29
C PHE A 290 35.11 15.54 -2.50
N THR A 291 35.51 15.24 -3.74
CA THR A 291 36.96 15.06 -4.07
C THR A 291 37.82 16.32 -3.79
N GLY A 292 39.13 16.09 -3.58
CA GLY A 292 40.12 17.12 -3.23
C GLY A 292 39.87 18.58 -3.58
N ASN A 293 39.65 18.87 -4.86
CA ASN A 293 39.44 20.25 -5.35
C ASN A 293 38.23 20.98 -4.75
N PHE A 294 37.19 20.20 -4.45
CA PHE A 294 35.90 20.75 -4.02
C PHE A 294 35.64 20.41 -2.55
N SER A 295 36.67 19.93 -1.85
CA SER A 295 36.52 19.37 -0.52
C SER A 295 36.02 20.39 0.50
N THR A 296 36.13 21.68 0.17
CA THR A 296 35.67 22.74 1.08
C THR A 296 34.24 23.20 0.76
N GLN A 297 33.68 22.73 -0.36
CA GLN A 297 32.28 23.02 -0.67
C GLN A 297 31.40 22.11 0.18
N LYS A 298 30.21 22.59 0.51
CA LYS A 298 29.24 21.80 1.31
C LYS A 298 27.91 21.74 0.57
N VAL A 299 27.00 20.90 1.08
CA VAL A 299 25.63 20.86 0.56
C VAL A 299 24.72 21.44 1.63
N LYS A 300 23.78 22.28 1.20
CA LYS A 300 22.89 22.94 2.13
C LYS A 300 21.44 22.77 1.71
N MET A 301 20.59 22.31 2.65
CA MET A 301 19.18 22.17 2.32
C MET A 301 18.43 23.41 2.84
N HIS A 302 17.33 23.77 2.20
CA HIS A 302 16.48 24.86 2.68
C HIS A 302 15.04 24.37 2.64
N ILE A 303 14.52 23.96 3.80
CA ILE A 303 13.18 23.38 3.85
C ILE A 303 12.32 24.23 4.76
N HIS A 304 11.20 24.68 4.22
CA HIS A 304 10.28 25.61 4.94
C HIS A 304 8.81 25.18 4.91
N SER A 305 8.59 23.90 4.58
CA SER A 305 7.24 23.35 4.58
C SER A 305 6.64 23.44 5.97
N THR A 306 5.30 23.47 6.03
CA THR A 306 4.64 23.56 7.34
C THR A 306 3.58 22.48 7.49
N ASN A 307 3.44 21.97 8.69
CA ASN A 307 2.42 20.97 9.00
C ASN A 307 1.22 21.76 9.47
N GLU A 308 0.03 21.44 8.99
N GLU A 308 0.04 21.39 8.99
CA GLU A 308 -1.16 22.12 9.49
CA GLU A 308 -1.19 22.14 9.23
C GLU A 308 -2.41 21.26 9.41
C GLU A 308 -2.36 21.17 9.44
N VAL A 309 -3.21 21.41 10.44
CA VAL A 309 -4.43 20.62 10.58
C VAL A 309 -5.41 21.18 9.56
N THR A 310 -5.94 20.28 8.75
CA THR A 310 -6.68 20.62 7.53
C THR A 310 -7.86 19.65 7.36
N ARG A 311 -9.00 20.14 6.86
CA ARG A 311 -10.17 19.25 6.70
C ARG A 311 -10.02 18.34 5.43
N ILE A 312 -10.38 17.07 5.58
CA ILE A 312 -10.43 16.11 4.44
C ILE A 312 -11.82 15.51 4.38
N TYR A 313 -12.18 14.95 3.22
CA TYR A 313 -13.54 14.48 3.00
C TYR A 313 -13.54 13.13 2.37
N ASN A 314 -14.18 12.17 3.01
CA ASN A 314 -14.43 10.89 2.33
C ASN A 314 -15.81 10.87 1.77
N VAL A 315 -15.97 10.25 0.58
CA VAL A 315 -17.37 10.02 0.14
C VAL A 315 -17.71 8.55 0.46
N ILE A 316 -18.86 8.35 1.14
CA ILE A 316 -19.30 7.00 1.53
C ILE A 316 -20.69 6.74 0.94
N GLY A 317 -20.77 5.79 0.01
CA GLY A 317 -22.03 5.43 -0.69
C GLY A 317 -22.51 4.09 -0.16
N THR A 318 -23.82 3.90 0.04
CA THR A 318 -24.34 2.64 0.56
C THR A 318 -25.34 2.07 -0.42
N LEU A 319 -25.21 0.79 -0.68
CA LEU A 319 -26.25 0.03 -1.41
C LEU A 319 -26.73 -1.04 -0.45
N ARG A 320 -27.91 -0.82 0.13
N ARG A 320 -27.89 -0.82 0.17
CA ARG A 320 -28.43 -1.71 1.17
CA ARG A 320 -28.38 -1.66 1.28
C ARG A 320 -28.67 -3.15 0.68
C ARG A 320 -28.79 -3.07 0.81
N GLY A 321 -28.28 -4.11 1.50
CA GLY A 321 -28.50 -5.52 1.18
C GLY A 321 -29.98 -5.91 1.38
N ALA A 322 -30.47 -6.78 0.52
CA ALA A 322 -31.86 -7.27 0.59
C ALA A 322 -32.08 -8.26 1.72
N VAL A 323 -31.06 -9.06 2.05
CA VAL A 323 -31.23 -10.22 2.98
C VAL A 323 -30.38 -10.00 4.24
N GLU A 324 -29.12 -9.67 4.00
CA GLU A 324 -28.21 -9.36 5.15
C GLU A 324 -27.67 -7.93 5.13
N PRO A 325 -28.52 -6.91 5.42
CA PRO A 325 -28.10 -5.53 5.32
C PRO A 325 -27.03 -5.18 6.38
N ASP A 326 -26.94 -6.02 7.42
CA ASP A 326 -25.92 -5.84 8.46
C ASP A 326 -24.61 -6.58 8.17
N ARG A 327 -24.31 -6.85 6.90
CA ARG A 327 -23.04 -7.45 6.51
C ARG A 327 -22.54 -6.58 5.40
N TYR A 328 -21.30 -6.09 5.58
CA TYR A 328 -20.77 -5.05 4.67
C TYR A 328 -19.63 -5.58 3.83
N VAL A 329 -19.78 -5.37 2.52
CA VAL A 329 -18.68 -5.64 1.57
C VAL A 329 -18.29 -4.24 1.08
N ILE A 330 -17.00 -3.94 1.21
CA ILE A 330 -16.53 -2.55 0.99
C ILE A 330 -15.61 -2.51 -0.22
N LEU A 331 -15.92 -1.60 -1.15
CA LEU A 331 -15.02 -1.26 -2.24
C LEU A 331 -14.53 0.16 -2.04
N GLY A 332 -13.23 0.32 -1.79
CA GLY A 332 -12.73 1.68 -1.45
C GLY A 332 -11.45 1.96 -2.20
N GLY A 333 -11.26 3.22 -2.54
CA GLY A 333 -9.97 3.66 -3.10
C GLY A 333 -9.92 5.17 -2.93
N HIS A 334 -8.74 5.73 -3.06
CA HIS A 334 -8.64 7.18 -2.74
C HIS A 334 -8.86 8.06 -3.96
N ARG A 335 -9.07 9.33 -3.67
CA ARG A 335 -9.40 10.36 -4.68
C ARG A 335 -8.35 11.43 -4.71
N ASP A 336 -7.66 11.70 -3.56
CA ASP A 336 -6.63 12.76 -3.53
C ASP A 336 -5.43 12.32 -4.37
N SER A 337 -4.80 13.27 -5.04
CA SER A 337 -3.64 12.96 -5.83
C SER A 337 -2.54 13.96 -5.50
N TRP A 338 -1.30 13.64 -5.86
CA TRP A 338 -0.22 14.63 -5.73
C TRP A 338 -0.38 15.80 -6.70
N VAL A 339 -0.61 15.48 -7.98
CA VAL A 339 -0.90 16.52 -8.99
C VAL A 339 -2.13 16.06 -9.74
N PHE A 340 -1.98 15.61 -10.98
CA PHE A 340 -3.16 15.30 -11.77
C PHE A 340 -3.67 13.89 -11.52
N GLY A 341 -2.84 13.02 -10.94
CA GLY A 341 -3.35 11.65 -10.61
C GLY A 341 -3.79 10.78 -11.79
N GLY A 342 -3.15 10.97 -12.95
CA GLY A 342 -3.55 10.22 -14.16
C GLY A 342 -3.56 8.71 -13.96
N ILE A 343 -2.54 8.17 -13.26
CA ILE A 343 -2.63 6.75 -12.85
C ILE A 343 -3.09 6.72 -11.34
N ASP A 344 -2.33 7.40 -10.49
CA ASP A 344 -2.51 7.29 -9.02
C ASP A 344 -3.23 8.58 -8.49
N PRO A 345 -4.52 8.50 -8.12
CA PRO A 345 -5.37 7.29 -8.04
C PRO A 345 -6.46 7.21 -9.09
N GLN A 346 -6.50 8.17 -10.02
CA GLN A 346 -7.74 8.28 -10.79
C GLN A 346 -8.01 7.14 -11.77
N SER A 347 -6.98 6.41 -12.19
CA SER A 347 -7.25 5.16 -12.95
C SER A 347 -8.01 4.14 -12.14
N GLY A 348 -7.83 4.20 -10.82
CA GLY A 348 -8.62 3.38 -9.90
C GLY A 348 -9.98 3.99 -9.63
N ALA A 349 -10.02 5.30 -9.37
CA ALA A 349 -11.29 5.98 -9.03
C ALA A 349 -12.28 5.94 -10.20
N ALA A 350 -11.78 5.99 -11.45
CA ALA A 350 -12.66 5.90 -12.63
C ALA A 350 -13.28 4.52 -12.72
N VAL A 351 -12.50 3.50 -12.33
CA VAL A 351 -12.97 2.11 -12.29
C VAL A 351 -14.06 1.97 -11.22
N VAL A 352 -13.82 2.52 -10.01
CA VAL A 352 -14.84 2.50 -8.99
C VAL A 352 -16.12 3.18 -9.49
N HIS A 353 -15.98 4.33 -10.16
CA HIS A 353 -17.12 5.11 -10.61
C HIS A 353 -17.97 4.29 -11.55
N GLU A 354 -17.31 3.60 -12.47
CA GLU A 354 -18.04 2.72 -13.40
C GLU A 354 -18.66 1.50 -12.72
N ILE A 355 -18.01 0.95 -11.69
CA ILE A 355 -18.62 -0.13 -10.89
C ILE A 355 -19.91 0.31 -10.20
N VAL A 356 -19.89 1.49 -9.57
CA VAL A 356 -21.04 2.06 -8.90
C VAL A 356 -22.13 2.25 -9.94
N ARG A 357 -21.75 2.79 -11.09
CA ARG A 357 -22.74 2.99 -12.16
C ARG A 357 -23.41 1.68 -12.57
N SER A 358 -22.63 0.61 -12.78
CA SER A 358 -23.18 -0.70 -13.13
C SER A 358 -24.09 -1.29 -12.04
N PHE A 359 -23.64 -1.28 -10.77
CA PHE A 359 -24.49 -1.74 -9.69
C PHE A 359 -25.78 -0.95 -9.63
N GLY A 360 -25.69 0.36 -9.86
CA GLY A 360 -26.83 1.25 -9.79
C GLY A 360 -27.85 0.94 -10.90
N THR A 361 -27.36 0.57 -12.08
N THR A 361 -27.34 0.55 -12.07
CA THR A 361 -28.25 0.17 -13.19
CA THR A 361 -28.17 0.14 -13.22
C THR A 361 -29.08 -1.05 -12.77
C THR A 361 -28.98 -1.14 -12.96
N LEU A 362 -28.43 -2.04 -12.15
CA LEU A 362 -29.15 -3.23 -11.71
C LEU A 362 -30.14 -2.85 -10.62
N LYS A 363 -29.73 -1.96 -9.72
CA LYS A 363 -30.62 -1.52 -8.66
C LYS A 363 -31.90 -0.83 -9.21
N LYS A 364 -31.73 0.01 -10.22
CA LYS A 364 -32.86 0.71 -10.84
C LYS A 364 -33.86 -0.24 -11.50
N GLU A 365 -33.39 -1.42 -11.90
CA GLU A 365 -34.27 -2.48 -12.44
C GLU A 365 -34.86 -3.39 -11.36
N GLY A 366 -34.67 -3.05 -10.10
CA GLY A 366 -35.27 -3.79 -9.00
C GLY A 366 -34.39 -4.75 -8.20
N TRP A 367 -33.11 -4.86 -8.57
CA TRP A 367 -32.21 -5.83 -7.93
C TRP A 367 -31.59 -5.16 -6.71
N ARG A 368 -31.22 -5.99 -5.75
CA ARG A 368 -30.35 -5.54 -4.62
C ARG A 368 -29.43 -6.68 -4.34
N PRO A 369 -28.19 -6.37 -3.90
CA PRO A 369 -27.32 -7.42 -3.47
C PRO A 369 -27.84 -8.07 -2.20
N ARG A 370 -27.38 -9.28 -1.92
CA ARG A 370 -27.80 -10.01 -0.71
C ARG A 370 -27.32 -9.22 0.54
N ARG A 371 -26.04 -8.89 0.53
CA ARG A 371 -25.38 -8.08 1.63
C ARG A 371 -25.21 -6.63 1.18
N THR A 372 -25.04 -5.72 2.15
CA THR A 372 -24.78 -4.32 1.88
C THR A 372 -23.41 -4.12 1.24
N ILE A 373 -23.39 -3.28 0.21
CA ILE A 373 -22.14 -2.85 -0.39
C ILE A 373 -21.92 -1.39 -0.03
N LEU A 374 -20.73 -1.10 0.52
CA LEU A 374 -20.29 0.26 0.82
C LEU A 374 -19.20 0.62 -0.19
N PHE A 375 -19.35 1.81 -0.76
CA PHE A 375 -18.38 2.35 -1.71
C PHE A 375 -17.73 3.58 -1.08
N ALA A 376 -16.39 3.66 -1.19
CA ALA A 376 -15.71 4.77 -0.59
C ALA A 376 -14.72 5.43 -1.54
N SER A 377 -14.75 6.76 -1.53
CA SER A 377 -13.78 7.62 -2.16
C SER A 377 -12.97 8.29 -1.04
N TRP A 378 -11.80 7.72 -0.72
CA TRP A 378 -11.04 8.17 0.44
C TRP A 378 -10.23 9.44 0.14
N ASP A 379 -10.06 10.26 1.20
CA ASP A 379 -9.20 11.45 1.04
C ASP A 379 -7.86 11.18 1.74
N ALA A 380 -6.87 12.00 1.40
CA ALA A 380 -5.57 12.05 2.09
C ALA A 380 -4.87 10.70 2.21
N GLU A 381 -5.04 9.84 1.20
CA GLU A 381 -4.29 8.59 1.20
C GLU A 381 -2.82 8.98 1.06
N GLU A 382 -2.54 10.00 0.23
CA GLU A 382 -1.13 10.31 -0.04
C GLU A 382 -0.40 10.84 1.18
N PHE A 383 -1.13 11.28 2.21
CA PHE A 383 -0.47 11.80 3.35
C PHE A 383 -0.42 10.80 4.49
N GLY A 384 -0.67 9.51 4.17
CA GLY A 384 -0.55 8.46 5.19
C GLY A 384 -1.78 7.66 5.48
N LEU A 385 -2.59 7.46 4.44
CA LEU A 385 -3.82 6.60 4.55
C LEU A 385 -4.76 7.27 5.59
N LEU A 386 -4.79 8.60 5.56
CA LEU A 386 -5.46 9.29 6.67
C LEU A 386 -6.98 9.18 6.61
N GLY A 387 -7.56 9.33 5.41
CA GLY A 387 -9.04 9.31 5.33
C GLY A 387 -9.63 7.93 5.66
N SER A 388 -9.08 6.86 5.08
CA SER A 388 -9.60 5.52 5.34
C SER A 388 -9.39 5.20 6.83
N THR A 389 -8.24 5.60 7.38
CA THR A 389 -7.92 5.19 8.77
C THR A 389 -8.81 5.93 9.75
N GLU A 390 -9.02 7.23 9.52
CA GLU A 390 -9.88 7.96 10.46
C GLU A 390 -11.31 7.45 10.39
N TRP A 391 -11.81 7.14 9.17
CA TRP A 391 -13.18 6.62 9.04
C TRP A 391 -13.31 5.25 9.74
N ALA A 392 -12.29 4.40 9.57
CA ALA A 392 -12.33 3.10 10.22
C ALA A 392 -12.23 3.25 11.74
N GLU A 393 -11.49 4.25 12.24
CA GLU A 393 -11.45 4.51 13.69
C GLU A 393 -12.83 4.92 14.18
N GLU A 394 -13.47 5.78 13.42
CA GLU A 394 -14.81 6.20 13.79
C GLU A 394 -15.78 5.00 13.84
N ASN A 395 -15.68 4.11 12.86
CA ASN A 395 -16.71 3.06 12.64
C ASN A 395 -16.21 1.66 13.01
N SER A 396 -15.17 1.59 13.85
CA SER A 396 -14.50 0.29 14.07
C SER A 396 -15.43 -0.75 14.67
N ARG A 397 -16.38 -0.36 15.52
CA ARG A 397 -17.30 -1.38 16.10
C ARG A 397 -18.24 -1.98 15.04
N LEU A 398 -18.70 -1.13 14.14
CA LEU A 398 -19.54 -1.61 13.05
C LEU A 398 -18.70 -2.51 12.17
N LEU A 399 -17.48 -2.10 11.89
CA LEU A 399 -16.70 -2.86 10.90
C LEU A 399 -16.26 -4.21 11.50
N GLN A 400 -15.89 -4.15 12.79
N GLN A 400 -15.87 -4.24 12.76
CA GLN A 400 -15.53 -5.31 13.65
CA GLN A 400 -15.39 -5.53 13.20
C GLN A 400 -16.54 -6.43 13.49
C GLN A 400 -16.54 -6.54 13.49
N GLU A 401 -17.79 -6.07 13.70
CA GLU A 401 -18.86 -7.05 13.86
C GLU A 401 -19.57 -7.40 12.53
N ARG A 402 -19.41 -6.54 11.52
CA ARG A 402 -20.25 -6.62 10.34
C ARG A 402 -19.43 -6.70 9.06
N GLY A 403 -18.13 -6.46 9.14
CA GLY A 403 -17.30 -6.33 7.91
C GLY A 403 -16.96 -7.68 7.29
N VAL A 404 -17.46 -7.94 6.09
CA VAL A 404 -17.16 -9.19 5.43
C VAL A 404 -15.83 -9.12 4.74
N ALA A 405 -15.63 -8.05 3.96
CA ALA A 405 -14.43 -7.97 3.10
C ALA A 405 -14.23 -6.55 2.64
N TYR A 406 -12.98 -6.26 2.32
CA TYR A 406 -12.58 -4.93 1.81
C TYR A 406 -11.78 -5.17 0.52
N ILE A 407 -12.23 -4.56 -0.57
CA ILE A 407 -11.50 -4.58 -1.85
C ILE A 407 -11.00 -3.18 -2.11
N ASN A 408 -9.68 -3.09 -2.27
CA ASN A 408 -9.07 -1.76 -2.54
C ASN A 408 -9.18 -1.38 -4.00
N ALA A 409 -9.05 -0.09 -4.30
CA ALA A 409 -9.17 0.36 -5.70
C ALA A 409 -8.37 1.59 -5.94
N ASP A 410 -7.07 1.49 -5.71
CA ASP A 410 -6.17 2.55 -6.13
C ASP A 410 -5.80 2.23 -7.58
N SER A 411 -4.69 2.75 -8.06
CA SER A 411 -4.30 2.66 -9.50
C SER A 411 -4.68 1.33 -10.14
N SER A 412 -5.43 1.41 -11.26
CA SER A 412 -5.85 0.18 -11.97
C SER A 412 -4.71 -0.39 -12.82
N ILE A 413 -3.71 0.42 -13.15
CA ILE A 413 -2.63 -0.04 -13.98
C ILE A 413 -1.29 0.47 -13.41
N GLU A 414 -0.25 -0.32 -13.53
CA GLU A 414 1.11 0.19 -13.26
C GLU A 414 1.99 -0.39 -14.36
N GLY A 415 1.33 -0.97 -15.35
CA GLY A 415 1.98 -1.57 -16.53
C GLY A 415 0.88 -2.19 -17.39
N ASN A 416 1.25 -2.89 -18.45
CA ASN A 416 0.23 -3.44 -19.32
C ASN A 416 0.55 -4.89 -19.66
N TYR A 417 1.27 -5.57 -18.78
CA TYR A 417 1.78 -6.91 -19.07
C TYR A 417 0.81 -8.00 -18.58
N THR A 418 0.44 -7.97 -17.29
CA THR A 418 -0.41 -9.06 -16.80
C THR A 418 -1.14 -8.57 -15.54
N LEU A 419 -2.06 -9.39 -15.04
CA LEU A 419 -2.74 -9.10 -13.77
C LEU A 419 -1.84 -9.24 -12.57
N ARG A 420 -2.10 -8.42 -11.55
CA ARG A 420 -1.45 -8.58 -10.24
C ARG A 420 -2.57 -8.67 -9.22
N VAL A 421 -2.51 -9.66 -8.32
CA VAL A 421 -3.49 -9.71 -7.20
C VAL A 421 -2.67 -9.89 -5.93
N ASP A 422 -2.99 -9.12 -4.88
CA ASP A 422 -2.44 -9.36 -3.52
C ASP A 422 -3.70 -9.50 -2.66
N CYS A 423 -3.80 -10.56 -1.83
CA CYS A 423 -5.00 -10.70 -1.02
C CYS A 423 -4.79 -11.70 0.06
N THR A 424 -5.74 -11.75 0.97
CA THR A 424 -5.78 -12.83 1.96
C THR A 424 -5.93 -14.21 1.30
N PRO A 425 -5.28 -15.26 1.88
CA PRO A 425 -5.56 -16.61 1.35
C PRO A 425 -7.05 -16.94 1.28
N LEU A 426 -7.88 -16.33 2.14
CA LEU A 426 -9.33 -16.64 2.08
C LEU A 426 -9.97 -16.33 0.73
N MET A 427 -9.34 -15.48 -0.06
N MET A 427 -9.39 -15.45 -0.07
CA MET A 427 -9.85 -15.03 -1.37
CA MET A 427 -9.96 -15.17 -1.38
C MET A 427 -9.23 -15.76 -2.56
C MET A 427 -9.12 -15.66 -2.55
N TYR A 428 -8.22 -16.59 -2.31
CA TYR A 428 -7.49 -17.25 -3.44
C TYR A 428 -8.43 -17.99 -4.39
N SER A 429 -9.34 -18.81 -3.82
N SER A 429 -9.34 -18.79 -3.82
CA SER A 429 -10.29 -19.63 -4.62
CA SER A 429 -10.25 -19.62 -4.65
C SER A 429 -11.24 -18.75 -5.42
C SER A 429 -11.26 -18.77 -5.41
N LEU A 430 -11.77 -17.72 -4.76
CA LEU A 430 -12.67 -16.74 -5.38
C LEU A 430 -11.97 -16.12 -6.62
N VAL A 431 -10.72 -15.71 -6.43
CA VAL A 431 -9.96 -15.03 -7.50
C VAL A 431 -9.68 -16.02 -8.65
N HIS A 432 -9.25 -17.24 -8.32
CA HIS A 432 -9.01 -18.26 -9.40
C HIS A 432 -10.31 -18.47 -10.18
N ASN A 433 -11.42 -18.65 -9.47
CA ASN A 433 -12.71 -18.95 -10.14
C ASN A 433 -13.20 -17.79 -10.97
N LEU A 434 -13.08 -16.57 -10.44
CA LEU A 434 -13.55 -15.45 -11.21
C LEU A 434 -12.70 -15.24 -12.45
N THR A 435 -11.38 -15.34 -12.33
CA THR A 435 -10.50 -15.02 -13.49
C THR A 435 -10.68 -16.10 -14.59
N LYS A 436 -11.11 -17.29 -14.21
CA LYS A 436 -11.39 -18.33 -15.24
C LYS A 436 -12.62 -18.00 -16.08
N GLU A 437 -13.47 -17.11 -15.59
CA GLU A 437 -14.72 -16.73 -16.27
C GLU A 437 -14.60 -15.40 -17.01
N LEU A 438 -13.45 -14.73 -16.90
CA LEU A 438 -13.24 -13.46 -17.55
C LEU A 438 -12.35 -13.65 -18.77
N LYS A 439 -12.57 -12.79 -19.73
CA LYS A 439 -11.79 -12.84 -20.98
C LYS A 439 -10.44 -12.19 -20.79
N SER A 440 -9.36 -12.79 -21.28
CA SER A 440 -8.07 -12.07 -21.25
C SER A 440 -8.06 -10.89 -22.23
N PRO A 441 -7.49 -9.73 -21.83
CA PRO A 441 -7.43 -8.61 -22.76
C PRO A 441 -6.09 -8.64 -23.53
N ASP A 442 -5.24 -9.64 -23.26
CA ASP A 442 -3.84 -9.58 -23.69
C ASP A 442 -3.76 -10.00 -25.16
N GLU A 443 -2.88 -9.33 -25.89
CA GLU A 443 -2.48 -9.75 -27.27
C GLU A 443 -1.95 -11.18 -27.23
N GLY A 444 -2.44 -12.01 -28.14
CA GLY A 444 -2.01 -13.41 -28.19
C GLY A 444 -2.86 -14.34 -27.34
N PHE A 445 -3.82 -13.81 -26.57
CA PHE A 445 -4.71 -14.64 -25.74
C PHE A 445 -6.15 -14.34 -26.07
N GLU A 446 -6.39 -13.86 -27.29
CA GLU A 446 -7.77 -13.63 -27.76
C GLU A 446 -8.56 -14.91 -27.59
N GLY A 447 -9.73 -14.82 -26.95
CA GLY A 447 -10.57 -16.00 -26.74
C GLY A 447 -10.12 -16.91 -25.59
N LYS A 448 -9.06 -16.53 -24.87
CA LYS A 448 -8.61 -17.30 -23.71
C LYS A 448 -9.02 -16.53 -22.44
N SER A 449 -9.05 -17.27 -21.35
CA SER A 449 -9.45 -16.68 -20.06
C SER A 449 -8.32 -15.80 -19.52
N LEU A 450 -8.71 -14.85 -18.68
CA LEU A 450 -7.73 -14.06 -17.89
C LEU A 450 -6.88 -15.01 -17.01
N TYR A 451 -7.50 -16.06 -16.45
CA TYR A 451 -6.74 -17.01 -15.63
C TYR A 451 -5.61 -17.60 -16.44
N GLU A 452 -5.92 -17.96 -17.68
CA GLU A 452 -4.91 -18.56 -18.54
C GLU A 452 -3.73 -17.61 -18.86
N SER A 453 -4.02 -16.36 -19.24
CA SER A 453 -2.95 -15.39 -19.57
C SER A 453 -2.15 -15.03 -18.31
N TRP A 454 -2.87 -14.76 -17.22
CA TRP A 454 -2.22 -14.44 -15.95
C TRP A 454 -1.29 -15.58 -15.46
N THR A 455 -1.78 -16.83 -15.48
CA THR A 455 -0.97 -17.95 -15.01
C THR A 455 0.27 -18.14 -15.91
N LYS A 456 0.09 -17.96 -17.21
CA LYS A 456 1.22 -18.08 -18.15
C LYS A 456 2.28 -17.02 -17.88
N LYS A 457 1.85 -15.76 -17.71
CA LYS A 457 2.79 -14.63 -17.57
C LYS A 457 3.35 -14.43 -16.16
N SER A 458 2.63 -14.92 -15.17
CA SER A 458 2.99 -14.76 -13.78
C SER A 458 2.80 -16.06 -12.99
N PRO A 459 3.61 -17.09 -13.31
CA PRO A 459 3.40 -18.39 -12.66
C PRO A 459 3.69 -18.36 -11.17
N SER A 460 2.93 -19.11 -10.40
CA SER A 460 3.24 -19.32 -9.00
C SER A 460 4.61 -19.98 -8.87
N PRO A 461 5.45 -19.47 -7.94
CA PRO A 461 6.75 -20.14 -7.67
C PRO A 461 6.58 -21.54 -7.04
N GLU A 462 5.48 -21.77 -6.30
CA GLU A 462 5.21 -23.08 -5.66
C GLU A 462 4.48 -24.11 -6.55
N PHE A 463 3.36 -23.71 -7.18
CA PHE A 463 2.42 -24.67 -7.77
C PHE A 463 2.26 -24.53 -9.26
N SER A 464 2.45 -25.64 -9.96
CA SER A 464 2.31 -25.66 -11.41
C SER A 464 0.86 -25.41 -11.81
N GLY A 465 0.68 -24.57 -12.82
CA GLY A 465 -0.64 -24.34 -13.40
C GLY A 465 -1.49 -23.35 -12.61
N MET A 466 -0.85 -22.69 -11.63
N MET A 466 -0.86 -22.67 -11.64
CA MET A 466 -1.46 -21.64 -10.77
CA MET A 466 -1.50 -21.62 -10.84
C MET A 466 -0.76 -20.30 -10.99
C MET A 466 -0.75 -20.30 -10.92
N PRO A 467 -1.48 -19.17 -10.81
CA PRO A 467 -0.82 -17.84 -10.86
C PRO A 467 -0.22 -17.37 -9.53
N ARG A 468 0.73 -16.44 -9.57
N ARG A 468 0.70 -16.42 -9.60
CA ARG A 468 1.27 -15.87 -8.34
CA ARG A 468 1.28 -15.75 -8.42
C ARG A 468 0.23 -14.92 -7.75
C ARG A 468 0.20 -14.89 -7.77
N ILE A 469 -0.02 -15.07 -6.45
CA ILE A 469 -0.83 -14.09 -5.68
C ILE A 469 0.02 -13.68 -4.47
N SER A 470 0.28 -12.38 -4.32
CA SER A 470 1.16 -11.91 -3.27
C SER A 470 0.42 -11.68 -1.98
N LYS A 471 1.24 -11.57 -0.93
N LYS A 471 1.16 -11.67 -0.88
CA LYS A 471 0.79 -11.09 0.38
CA LYS A 471 0.54 -11.27 0.39
C LYS A 471 0.37 -9.66 0.24
C LYS A 471 0.41 -9.75 0.36
N LEU A 472 -0.60 -9.24 1.06
CA LEU A 472 -0.84 -7.81 1.23
C LEU A 472 0.29 -7.27 2.08
N GLY A 473 0.82 -6.12 1.64
CA GLY A 473 1.84 -5.40 2.40
C GLY A 473 1.11 -4.22 2.95
N SER A 474 1.53 -3.02 2.55
CA SER A 474 0.81 -1.82 2.99
C SER A 474 1.16 -0.70 2.03
N GLY A 475 1.00 0.56 2.43
CA GLY A 475 1.13 1.66 1.47
C GLY A 475 -0.15 1.85 0.70
N ASN A 476 -1.29 1.37 1.24
CA ASN A 476 -2.58 1.71 0.65
C ASN A 476 -3.69 1.53 1.62
N ASP A 477 -4.92 1.84 1.19
CA ASP A 477 -6.00 2.10 2.17
C ASP A 477 -6.61 0.84 2.76
N PHE A 478 -6.23 -0.33 2.31
CA PHE A 478 -6.66 -1.56 2.97
C PHE A 478 -5.96 -1.78 4.33
N GLU A 479 -4.92 -1.00 4.65
CA GLU A 479 -4.09 -1.32 5.86
C GLU A 479 -4.95 -1.34 7.14
N VAL A 480 -5.78 -0.34 7.35
CA VAL A 480 -6.56 -0.31 8.62
C VAL A 480 -7.52 -1.52 8.63
N PHE A 481 -8.11 -1.81 7.46
CA PHE A 481 -9.13 -2.90 7.49
C PHE A 481 -8.51 -4.25 7.73
N PHE A 482 -7.37 -4.51 7.11
CA PHE A 482 -6.76 -5.82 7.22
C PHE A 482 -5.86 -5.96 8.47
N GLN A 483 -4.88 -5.05 8.57
N GLN A 483 -4.81 -5.16 8.58
CA GLN A 483 -3.78 -5.16 9.58
CA GLN A 483 -3.85 -5.40 9.68
C GLN A 483 -4.27 -4.76 11.01
C GLN A 483 -4.30 -4.81 11.06
N ARG A 484 -5.21 -3.82 11.08
CA ARG A 484 -5.74 -3.37 12.37
C ARG A 484 -7.01 -4.15 12.74
N LEU A 485 -7.99 -4.18 11.79
CA LEU A 485 -9.30 -4.73 12.15
C LEU A 485 -9.47 -6.22 11.84
N GLY A 486 -8.67 -6.78 10.95
CA GLY A 486 -8.79 -8.21 10.57
C GLY A 486 -9.99 -8.51 9.70
N ILE A 487 -10.23 -7.62 8.73
CA ILE A 487 -11.26 -7.87 7.73
C ILE A 487 -10.54 -8.38 6.47
N ALA A 488 -11.02 -9.50 5.95
CA ALA A 488 -10.45 -10.09 4.72
C ALA A 488 -10.35 -9.03 3.63
N SER A 489 -9.15 -8.89 3.03
CA SER A 489 -8.93 -7.76 2.11
C SER A 489 -8.22 -8.28 0.84
N GLY A 490 -8.41 -7.55 -0.26
CA GLY A 490 -7.69 -7.90 -1.51
C GLY A 490 -7.53 -6.63 -2.38
N ARG A 491 -6.64 -6.75 -3.38
CA ARG A 491 -6.44 -5.65 -4.35
C ARG A 491 -6.01 -6.34 -5.66
N ALA A 492 -6.25 -5.66 -6.79
CA ALA A 492 -5.93 -6.24 -8.12
C ALA A 492 -5.66 -5.08 -9.05
N ARG A 493 -4.65 -5.22 -9.92
CA ARG A 493 -4.37 -4.17 -10.92
C ARG A 493 -3.63 -4.83 -12.05
N TYR A 494 -3.52 -4.13 -13.17
CA TYR A 494 -2.61 -4.58 -14.21
C TYR A 494 -1.22 -4.11 -13.89
N THR A 495 -0.21 -4.89 -14.29
CA THR A 495 1.14 -4.63 -13.79
C THR A 495 2.19 -4.87 -14.90
N LYS A 496 3.44 -4.55 -14.59
CA LYS A 496 4.60 -4.81 -15.48
C LYS A 496 5.18 -6.21 -15.25
N ASN A 497 6.19 -6.60 -16.06
N ASN A 497 6.14 -6.59 -16.10
CA ASN A 497 6.79 -7.95 -16.02
CA ASN A 497 6.86 -7.84 -15.92
C ASN A 497 7.52 -8.33 -14.72
C ASN A 497 8.00 -7.64 -14.91
N ASN A 501 11.33 -4.20 -10.07
N ASN A 501 10.38 -4.98 -10.59
CA ASN A 501 10.94 -4.13 -8.66
CA ASN A 501 10.62 -4.11 -9.43
C ASN A 501 9.62 -3.36 -8.45
C ASN A 501 9.37 -3.41 -8.89
N LYS A 502 8.58 -4.12 -8.10
CA LYS A 502 7.19 -3.63 -7.82
C LYS A 502 7.13 -2.48 -6.82
N PHE A 503 8.07 -2.43 -5.89
CA PHE A 503 7.97 -1.40 -4.83
C PHE A 503 8.51 -0.04 -5.22
N SER A 504 9.16 0.06 -6.35
CA SER A 504 9.75 1.36 -6.73
C SER A 504 8.75 2.28 -7.37
N GLY A 505 7.63 1.74 -7.90
CA GLY A 505 6.70 2.56 -8.64
C GLY A 505 7.08 2.57 -10.13
N TYR A 506 6.15 2.94 -10.97
CA TYR A 506 6.38 3.09 -12.42
C TYR A 506 7.15 4.42 -12.64
N PRO A 507 7.69 4.68 -13.85
CA PRO A 507 8.61 5.80 -13.91
C PRO A 507 8.08 7.18 -13.53
N LEU A 508 6.83 7.46 -13.86
CA LEU A 508 6.26 8.81 -13.64
C LEU A 508 5.45 8.88 -12.36
N TYR A 509 5.61 7.85 -11.51
CA TYR A 509 4.93 7.84 -10.20
C TYR A 509 5.12 9.11 -9.38
N HIS A 510 4.00 9.73 -8.98
CA HIS A 510 3.97 10.91 -8.12
C HIS A 510 4.62 12.18 -8.69
N SER A 511 4.78 12.16 -10.01
CA SER A 511 5.29 13.30 -10.77
C SER A 511 4.15 14.08 -11.50
N VAL A 512 4.45 15.32 -11.87
CA VAL A 512 3.47 16.16 -12.61
C VAL A 512 3.14 15.48 -13.96
N TYR A 513 4.00 14.56 -14.42
CA TYR A 513 3.81 13.97 -15.77
C TYR A 513 2.79 12.85 -15.79
N GLU A 514 2.28 12.43 -14.60
CA GLU A 514 1.27 11.39 -14.55
C GLU A 514 -0.07 11.98 -14.89
N THR A 515 -0.42 11.95 -16.17
CA THR A 515 -1.59 12.64 -16.68
C THR A 515 -2.53 11.70 -17.43
N TYR A 516 -3.71 12.21 -17.77
CA TYR A 516 -4.60 11.52 -18.68
C TYR A 516 -3.87 11.05 -19.97
N GLU A 517 -3.06 11.93 -20.55
CA GLU A 517 -2.39 11.59 -21.80
C GLU A 517 -1.41 10.45 -21.63
N LEU A 518 -0.73 10.40 -20.48
CA LEU A 518 0.15 9.28 -20.20
C LEU A 518 -0.60 7.97 -20.38
N VAL A 519 -1.81 7.91 -19.79
CA VAL A 519 -2.59 6.67 -19.81
C VAL A 519 -3.14 6.37 -21.21
N GLU A 520 -3.80 7.37 -21.80
CA GLU A 520 -4.45 7.23 -23.10
C GLU A 520 -3.45 6.95 -24.23
N LYS A 521 -2.24 7.52 -24.14
N LYS A 521 -2.25 7.53 -24.19
CA LYS A 521 -1.22 7.34 -25.21
CA LYS A 521 -1.25 7.27 -25.23
C LYS A 521 -0.31 6.13 -25.04
C LYS A 521 -0.45 5.99 -25.01
N PHE A 522 0.07 5.81 -23.80
CA PHE A 522 1.15 4.84 -23.56
C PHE A 522 0.78 3.61 -22.75
N TYR A 523 -0.21 3.70 -21.86
CA TYR A 523 -0.54 2.55 -21.03
C TYR A 523 -1.68 1.74 -21.55
N ASP A 524 -2.80 2.39 -21.90
CA ASP A 524 -4.02 1.64 -22.16
C ASP A 524 -4.94 2.39 -23.10
N PRO A 525 -4.53 2.56 -24.39
CA PRO A 525 -5.35 3.37 -25.29
C PRO A 525 -6.77 2.95 -25.50
N MET A 526 -7.06 1.65 -25.42
N MET A 526 -7.04 1.64 -25.45
CA MET A 526 -8.40 1.13 -25.62
CA MET A 526 -8.37 1.06 -25.64
C MET A 526 -9.15 0.93 -24.30
C MET A 526 -9.16 0.99 -24.31
N PHE A 527 -8.48 1.26 -23.19
CA PHE A 527 -9.08 1.11 -21.84
C PHE A 527 -9.52 -0.33 -21.54
N LYS A 528 -8.88 -1.26 -22.24
CA LYS A 528 -9.17 -2.66 -22.06
C LYS A 528 -8.58 -3.21 -20.77
N TYR A 529 -7.43 -2.70 -20.34
CA TYR A 529 -6.85 -3.19 -19.09
C TYR A 529 -7.66 -2.62 -17.93
N HIS A 530 -8.03 -1.35 -18.03
CA HIS A 530 -9.01 -0.73 -17.06
C HIS A 530 -10.30 -1.55 -16.96
N LEU A 531 -10.86 -1.93 -18.11
CA LEU A 531 -12.07 -2.74 -18.09
C LEU A 531 -11.86 -4.11 -17.41
N THR A 532 -10.75 -4.78 -17.70
CA THR A 532 -10.46 -6.06 -17.08
C THR A 532 -10.34 -5.90 -15.55
N VAL A 533 -9.67 -4.84 -15.15
CA VAL A 533 -9.51 -4.54 -13.69
C VAL A 533 -10.87 -4.22 -13.08
N ALA A 534 -11.73 -3.50 -13.79
CA ALA A 534 -13.10 -3.28 -13.26
C ALA A 534 -13.88 -4.59 -13.11
N GLN A 535 -13.71 -5.51 -14.05
CA GLN A 535 -14.35 -6.82 -13.96
C GLN A 535 -13.81 -7.67 -12.80
N VAL A 536 -12.50 -7.60 -12.53
CA VAL A 536 -11.92 -8.35 -11.39
C VAL A 536 -12.39 -7.72 -10.09
N ARG A 537 -12.23 -6.42 -9.94
CA ARG A 537 -12.61 -5.80 -8.63
C ARG A 537 -14.12 -5.89 -8.44
N GLY A 538 -14.88 -5.50 -9.47
CA GLY A 538 -16.33 -5.56 -9.40
C GLY A 538 -16.88 -6.95 -9.23
N GLY A 539 -16.30 -7.91 -9.95
CA GLY A 539 -16.68 -9.29 -9.82
C GLY A 539 -16.42 -9.87 -8.44
N MET A 540 -15.26 -9.52 -7.87
CA MET A 540 -15.02 -9.86 -6.43
C MET A 540 -16.10 -9.34 -5.52
N VAL A 541 -16.41 -8.04 -5.64
CA VAL A 541 -17.38 -7.39 -4.80
C VAL A 541 -18.74 -8.06 -5.01
N PHE A 542 -19.09 -8.31 -6.29
CA PHE A 542 -20.36 -8.97 -6.58
C PHE A 542 -20.49 -10.32 -5.87
N GLU A 543 -19.50 -11.18 -6.00
CA GLU A 543 -19.53 -12.52 -5.37
C GLU A 543 -19.58 -12.42 -3.84
N LEU A 544 -18.76 -11.53 -3.29
CA LEU A 544 -18.69 -11.36 -1.82
C LEU A 544 -20.03 -10.88 -1.28
N ALA A 545 -20.69 -9.99 -2.04
CA ALA A 545 -21.95 -9.43 -1.58
C ALA A 545 -23.17 -10.28 -1.93
N ASN A 546 -22.99 -11.26 -2.83
N ASN A 546 -23.10 -11.20 -2.86
CA ASN A 546 -24.11 -12.10 -3.38
CA ASN A 546 -24.36 -11.84 -3.29
C ASN A 546 -24.06 -13.63 -3.24
C ASN A 546 -24.48 -13.29 -3.05
N SER A 547 -22.88 -14.23 -3.03
N SER A 547 -23.32 -13.95 -3.07
CA SER A 547 -22.84 -15.66 -2.81
CA SER A 547 -23.29 -15.39 -2.90
C SER A 547 -23.56 -16.02 -1.52
C SER A 547 -23.95 -15.79 -1.62
N ILE A 548 -24.45 -17.02 -1.60
CA ILE A 548 -25.16 -17.48 -0.40
C ILE A 548 -24.21 -17.81 0.75
N VAL A 549 -23.25 -18.67 0.44
CA VAL A 549 -22.17 -19.01 1.37
C VAL A 549 -21.05 -18.02 0.99
N LEU A 550 -20.46 -17.37 1.98
CA LEU A 550 -19.33 -16.45 1.68
C LEU A 550 -18.26 -17.19 0.89
N PRO A 551 -17.68 -16.54 -0.16
CA PRO A 551 -16.75 -17.26 -1.06
C PRO A 551 -15.29 -17.28 -0.55
N PHE A 552 -15.11 -17.77 0.67
CA PHE A 552 -13.81 -17.87 1.37
C PHE A 552 -13.50 -19.35 1.56
N ASP A 553 -12.28 -19.77 1.29
CA ASP A 553 -11.91 -21.15 1.55
C ASP A 553 -10.82 -21.23 2.63
N CYS A 554 -11.24 -21.62 3.85
CA CYS A 554 -10.29 -21.69 4.96
C CYS A 554 -9.14 -22.65 4.71
N ARG A 555 -9.32 -23.67 3.87
CA ARG A 555 -8.22 -24.61 3.61
C ARG A 555 -7.01 -23.92 2.94
N ASP A 556 -7.26 -22.86 2.18
CA ASP A 556 -6.15 -22.11 1.58
C ASP A 556 -5.30 -21.38 2.66
N TYR A 557 -5.92 -20.95 3.76
CA TYR A 557 -5.13 -20.37 4.85
C TYR A 557 -4.25 -21.45 5.46
N ALA A 558 -4.79 -22.67 5.58
CA ALA A 558 -3.99 -23.75 6.17
C ALA A 558 -2.70 -24.02 5.37
N VAL A 559 -2.83 -24.03 4.03
CA VAL A 559 -1.69 -24.24 3.17
C VAL A 559 -0.60 -23.15 3.36
N VAL A 560 -1.03 -21.90 3.39
CA VAL A 560 -0.02 -20.84 3.50
C VAL A 560 0.57 -20.82 4.90
N LEU A 561 -0.23 -21.15 5.93
CA LEU A 561 0.33 -21.11 7.31
C LEU A 561 1.48 -22.11 7.44
N ARG A 562 1.38 -23.25 6.73
CA ARG A 562 2.45 -24.24 6.77
C ARG A 562 3.68 -23.73 6.04
N LYS A 563 3.46 -23.10 4.88
CA LYS A 563 4.56 -22.46 4.17
C LYS A 563 5.26 -21.38 5.06
N TYR A 564 4.47 -20.53 5.73
CA TYR A 564 5.09 -19.48 6.58
C TYR A 564 5.79 -20.10 7.78
N ALA A 565 5.22 -21.16 8.34
CA ALA A 565 5.89 -21.82 9.48
C ALA A 565 7.24 -22.40 9.06
N ASP A 566 7.25 -23.13 7.92
CA ASP A 566 8.51 -23.61 7.36
C ASP A 566 9.55 -22.49 7.17
N LYS A 567 9.10 -21.35 6.64
CA LYS A 567 9.99 -20.26 6.35
C LYS A 567 10.61 -19.68 7.63
N ILE A 568 9.78 -19.42 8.65
CA ILE A 568 10.31 -18.80 9.88
C ILE A 568 11.22 -19.80 10.66
N TYR A 569 10.83 -21.09 10.67
CA TYR A 569 11.68 -22.13 11.24
C TYR A 569 13.06 -22.10 10.53
N SER A 570 13.05 -21.98 9.21
N SER A 570 13.08 -21.98 9.21
CA SER A 570 14.32 -22.01 8.45
CA SER A 570 14.37 -22.03 8.48
C SER A 570 15.24 -20.85 8.81
C SER A 570 15.24 -20.78 8.64
N ILE A 571 14.66 -19.65 9.05
CA ILE A 571 15.42 -18.48 9.46
C ILE A 571 16.08 -18.78 10.82
N SER A 572 15.29 -19.32 11.76
CA SER A 572 15.80 -19.58 13.11
C SER A 572 16.94 -20.63 13.06
N MET A 573 16.76 -21.61 12.19
CA MET A 573 17.75 -22.71 12.03
C MET A 573 19.11 -22.33 11.48
N LYS A 574 19.27 -21.07 11.07
N LYS A 574 19.31 -21.08 11.08
CA LYS A 574 20.58 -20.45 10.80
CA LYS A 574 20.65 -20.59 10.79
C LYS A 574 21.44 -20.41 12.08
C LYS A 574 21.44 -20.30 12.09
N HIS A 575 20.79 -20.56 13.24
CA HIS A 575 21.39 -20.37 14.60
C HIS A 575 21.20 -21.62 15.48
N PRO A 576 21.71 -22.79 15.02
CA PRO A 576 21.42 -24.05 15.74
C PRO A 576 21.98 -24.08 17.13
N GLN A 577 23.16 -23.48 17.36
CA GLN A 577 23.76 -23.51 18.69
C GLN A 577 22.86 -22.76 19.68
N GLU A 578 22.34 -21.61 19.24
CA GLU A 578 21.45 -20.85 20.16
C GLU A 578 20.14 -21.53 20.39
N MET A 579 19.63 -22.23 19.38
CA MET A 579 18.34 -22.89 19.55
C MET A 579 18.51 -24.03 20.58
N LYS A 580 19.69 -24.68 20.57
CA LYS A 580 19.98 -25.73 21.60
C LYS A 580 20.13 -25.11 23.00
N THR A 581 20.93 -24.05 23.10
CA THR A 581 21.20 -23.38 24.37
C THR A 581 19.97 -22.87 25.04
N TYR A 582 19.11 -22.19 24.26
CA TYR A 582 17.92 -21.57 24.86
C TYR A 582 16.66 -22.37 24.69
N SER A 583 16.79 -23.61 24.17
N SER A 583 16.80 -23.60 24.15
CA SER A 583 15.66 -24.56 24.02
CA SER A 583 15.69 -24.52 24.04
C SER A 583 14.53 -23.96 23.16
C SER A 583 14.57 -23.88 23.22
N VAL A 584 14.91 -23.45 22.01
CA VAL A 584 13.96 -22.72 21.13
C VAL A 584 13.27 -23.77 20.26
N SER A 585 11.99 -24.04 20.54
CA SER A 585 11.26 -25.05 19.75
C SER A 585 10.14 -24.42 18.95
N PHE A 586 10.02 -24.83 17.69
CA PHE A 586 8.85 -24.44 16.88
C PHE A 586 7.72 -25.51 16.93
N ASP A 587 7.85 -26.52 17.81
CA ASP A 587 6.88 -27.60 17.82
C ASP A 587 5.46 -27.11 18.04
N SER A 588 5.29 -26.13 18.93
CA SER A 588 3.94 -25.65 19.16
C SER A 588 3.34 -24.97 17.96
N LEU A 589 4.16 -24.23 17.21
CA LEU A 589 3.61 -23.58 16.03
C LEU A 589 3.21 -24.62 14.94
N PHE A 590 4.07 -25.62 14.73
CA PHE A 590 3.73 -26.63 13.73
C PHE A 590 2.48 -27.41 14.17
N SER A 591 2.36 -27.67 15.47
CA SER A 591 1.17 -28.34 16.02
C SER A 591 -0.09 -27.53 15.75
N ALA A 592 -0.04 -26.22 16.03
CA ALA A 592 -1.18 -25.36 15.77
C ALA A 592 -1.55 -25.38 14.29
N VAL A 593 -0.54 -25.35 13.43
CA VAL A 593 -0.81 -25.31 11.97
C VAL A 593 -1.43 -26.65 11.54
N LYS A 594 -0.90 -27.77 12.06
CA LYS A 594 -1.50 -29.10 11.79
C LYS A 594 -2.95 -29.14 12.27
N ASN A 595 -3.22 -28.59 13.45
CA ASN A 595 -4.59 -28.57 13.92
C ASN A 595 -5.49 -27.69 13.05
N PHE A 596 -4.97 -26.52 12.60
CA PHE A 596 -5.76 -25.61 11.81
C PHE A 596 -6.13 -26.37 10.51
N THR A 597 -5.16 -27.12 9.97
CA THR A 597 -5.37 -27.85 8.69
C THR A 597 -6.47 -28.89 8.87
N GLU A 598 -6.41 -29.64 9.98
CA GLU A 598 -7.45 -30.65 10.28
C GLU A 598 -8.84 -30.08 10.49
N ILE A 599 -8.93 -29.02 11.30
CA ILE A 599 -10.20 -28.43 11.61
C ILE A 599 -10.79 -27.76 10.38
N ALA A 600 -9.95 -27.09 9.61
CA ALA A 600 -10.41 -26.41 8.37
C ALA A 600 -10.98 -27.47 7.41
N SER A 601 -10.33 -28.62 7.36
CA SER A 601 -10.80 -29.68 6.43
C SER A 601 -12.21 -30.15 6.88
N LYS A 602 -12.39 -30.37 8.19
CA LYS A 602 -13.71 -30.76 8.69
C LYS A 602 -14.77 -29.68 8.53
N PHE A 603 -14.42 -28.41 8.80
CA PHE A 603 -15.32 -27.31 8.53
C PHE A 603 -15.78 -27.28 7.06
N SER A 604 -14.84 -27.46 6.14
CA SER A 604 -15.17 -27.44 4.72
C SER A 604 -16.21 -28.56 4.35
N GLU A 605 -16.03 -29.74 4.97
CA GLU A 605 -16.98 -30.86 4.79
C GLU A 605 -18.35 -30.43 5.27
N ARG A 606 -18.43 -29.81 6.46
CA ARG A 606 -19.75 -29.37 6.97
C ARG A 606 -20.35 -28.31 6.11
N LEU A 607 -19.51 -27.43 5.54
CA LEU A 607 -20.00 -26.34 4.74
C LEU A 607 -20.61 -26.91 3.44
N GLN A 608 -20.07 -28.01 2.98
CA GLN A 608 -20.62 -28.63 1.79
C GLN A 608 -21.89 -29.40 2.08
N ASP A 609 -21.90 -30.04 3.26
CA ASP A 609 -22.90 -30.99 3.72
C ASP A 609 -24.07 -30.48 4.54
N PHE A 610 -23.93 -29.28 5.12
N PHE A 610 -24.27 -29.15 4.70
CA PHE A 610 -24.87 -28.79 6.13
CA PHE A 610 -25.57 -28.56 5.23
C PHE A 610 -26.18 -28.65 5.40
C PHE A 610 -26.45 -27.91 4.16
N ASP A 611 -27.23 -28.67 6.18
N ASP A 611 -27.69 -27.53 4.48
CA ASP A 611 -28.57 -28.59 5.68
CA ASP A 611 -28.31 -26.63 3.51
C ASP A 611 -28.76 -27.21 5.08
C ASP A 611 -28.96 -25.30 3.91
N LYS A 612 -28.96 -27.16 3.78
N LYS A 612 -28.86 -24.46 2.91
CA LYS A 612 -28.82 -25.88 3.05
CA LYS A 612 -29.13 -23.07 3.05
C LYS A 612 -30.13 -25.15 3.09
C LYS A 612 -30.53 -23.11 3.61
N SER A 613 -31.18 -25.82 3.62
N SER A 613 -31.50 -22.58 2.90
CA SER A 613 -32.42 -25.14 3.93
CA SER A 613 -32.87 -22.42 3.39
C SER A 613 -32.38 -24.34 5.28
C SER A 613 -33.15 -22.27 4.84
N ASN A 614 -31.32 -24.47 6.09
N ASN A 614 -32.24 -22.71 5.71
CA ASN A 614 -31.30 -23.87 7.43
CA ASN A 614 -32.45 -22.48 7.12
C ASN A 614 -30.45 -22.59 7.46
C ASN A 614 -31.73 -21.17 7.44
N PRO A 615 -31.12 -21.42 7.56
N PRO A 615 -32.47 -20.05 7.59
CA PRO A 615 -30.46 -20.14 7.37
CA PRO A 615 -31.70 -18.81 7.72
C PRO A 615 -29.64 -19.80 8.60
C PRO A 615 -30.75 -18.69 8.94
N ILE A 616 -29.97 -20.40 9.74
N ILE A 616 -31.10 -19.23 10.11
CA ILE A 616 -29.19 -20.19 10.98
CA ILE A 616 -30.14 -19.09 11.25
C ILE A 616 -27.85 -20.94 10.89
C ILE A 616 -28.93 -19.98 11.10
N VAL A 617 -27.89 -22.19 10.45
N VAL A 617 -29.11 -21.17 10.54
CA VAL A 617 -26.64 -22.93 10.23
CA VAL A 617 -27.97 -22.08 10.35
C VAL A 617 -25.78 -22.24 9.16
C VAL A 617 -27.01 -21.48 9.31
N LEU A 618 -26.42 -21.83 8.07
N LEU A 618 -27.56 -20.92 8.25
CA LEU A 618 -25.74 -21.07 7.03
CA LEU A 618 -26.75 -20.23 7.26
C LEU A 618 -25.03 -19.83 7.64
C LEU A 618 -26.02 -19.01 7.89
N ARG A 619 -25.78 -19.04 8.40
N ARG A 619 -26.73 -18.27 8.71
CA ARG A 619 -25.24 -17.81 8.96
CA ARG A 619 -26.12 -17.09 9.32
C ARG A 619 -24.18 -18.12 9.98
C ARG A 619 -24.95 -17.52 10.19
N MET A 620 -24.38 -19.17 10.82
N MET A 620 -25.05 -18.71 10.83
CA MET A 620 -23.37 -19.54 11.84
CA MET A 620 -23.94 -19.29 11.63
C MET A 620 -22.19 -19.85 11.02
C MET A 620 -22.55 -19.61 10.94
N MET A 621 -22.48 -20.48 9.88
CA MET A 621 -21.29 -20.86 9.18
C MET A 621 -20.70 -19.63 8.40
N ASN A 622 -21.57 -18.73 7.91
CA ASN A 622 -21.08 -17.48 7.25
C ASN A 622 -20.31 -16.64 8.29
N ASP A 623 -20.84 -16.60 9.50
CA ASP A 623 -20.15 -15.88 10.60
C ASP A 623 -18.80 -16.52 10.91
N GLN A 624 -18.74 -17.86 10.91
CA GLN A 624 -17.46 -18.52 11.12
C GLN A 624 -16.49 -18.12 10.01
N LEU A 625 -16.98 -18.05 8.77
CA LEU A 625 -16.11 -17.62 7.66
C LEU A 625 -15.66 -16.16 7.77
N MET A 626 -16.59 -15.31 8.15
CA MET A 626 -16.32 -13.85 8.26
C MET A 626 -15.35 -13.57 9.41
N PHE A 627 -15.55 -14.25 10.54
CA PHE A 627 -14.68 -13.98 11.70
C PHE A 627 -13.37 -14.74 11.70
N LEU A 628 -13.10 -15.54 10.66
CA LEU A 628 -11.82 -16.26 10.59
C LEU A 628 -10.62 -15.32 10.40
N GLU A 629 -10.72 -14.37 9.47
CA GLU A 629 -9.65 -13.39 9.37
C GLU A 629 -9.56 -12.61 10.73
N ARG A 630 -10.69 -12.36 11.34
CA ARG A 630 -10.75 -11.56 12.59
C ARG A 630 -10.01 -12.29 13.69
N ALA A 631 -10.01 -13.63 13.66
CA ALA A 631 -9.34 -14.41 14.69
C ALA A 631 -7.85 -14.25 14.72
N PHE A 632 -7.23 -13.76 13.62
CA PHE A 632 -5.80 -13.59 13.65
C PHE A 632 -5.37 -12.29 14.31
N ILE A 633 -6.32 -11.45 14.75
CA ILE A 633 -6.00 -10.17 15.43
C ILE A 633 -5.63 -10.44 16.90
N ASP A 634 -4.52 -9.85 17.36
CA ASP A 634 -4.13 -9.89 18.77
C ASP A 634 -4.44 -8.50 19.27
N PRO A 635 -5.33 -8.38 20.26
CA PRO A 635 -5.70 -7.03 20.72
C PRO A 635 -4.52 -6.26 21.36
N LEU A 636 -3.44 -6.94 21.72
CA LEU A 636 -2.29 -6.22 22.26
C LEU A 636 -1.33 -5.70 21.17
N GLY A 637 -1.56 -6.08 19.90
CA GLY A 637 -0.73 -5.56 18.79
C GLY A 637 0.62 -6.22 18.77
N LEU A 638 1.43 -5.89 17.77
CA LEU A 638 2.83 -6.32 17.71
C LEU A 638 3.73 -5.38 18.51
N PRO A 639 4.94 -5.84 18.93
CA PRO A 639 5.81 -4.99 19.78
C PRO A 639 6.05 -3.57 19.25
N ASP A 640 5.66 -2.55 20.03
CA ASP A 640 5.86 -1.15 19.67
C ASP A 640 5.08 -0.74 18.43
N ARG A 641 4.19 -1.61 17.95
CA ARG A 641 3.32 -1.28 16.77
C ARG A 641 1.89 -1.68 17.09
N PRO A 642 1.26 -0.90 17.97
CA PRO A 642 -0.05 -1.33 18.48
C PRO A 642 -1.17 -1.37 17.46
N PHE A 643 -1.03 -0.71 16.31
CA PHE A 643 -2.07 -0.76 15.27
C PHE A 643 -1.81 -1.83 14.21
N TYR A 644 -0.70 -2.55 14.35
CA TYR A 644 -0.55 -3.75 13.52
C TYR A 644 -0.88 -4.92 14.43
N ARG A 645 -2.07 -5.48 14.25
N ARG A 645 -2.11 -5.42 14.28
CA ARG A 645 -2.60 -6.45 15.26
CA ARG A 645 -2.68 -6.36 15.25
C ARG A 645 -2.68 -7.86 14.66
C ARG A 645 -2.84 -7.79 14.65
N HIS A 646 -2.56 -7.95 13.34
CA HIS A 646 -2.70 -9.27 12.70
C HIS A 646 -1.39 -10.04 12.99
N VAL A 647 -1.51 -11.28 13.48
CA VAL A 647 -0.34 -12.04 13.93
C VAL A 647 0.27 -12.76 12.73
N ILE A 648 -0.51 -12.96 11.66
CA ILE A 648 0.12 -13.63 10.49
C ILE A 648 0.84 -12.68 9.54
N TYR A 649 0.26 -11.51 9.34
CA TYR A 649 0.79 -10.54 8.37
C TYR A 649 0.98 -9.18 9.02
N ALA A 650 2.12 -8.57 8.77
CA ALA A 650 2.27 -7.13 9.04
C ALA A 650 3.12 -6.52 7.97
N PRO A 651 3.00 -5.22 7.78
CA PRO A 651 3.95 -4.57 6.84
C PRO A 651 5.37 -4.76 7.35
N SER A 652 6.32 -5.04 6.47
CA SER A 652 7.69 -5.21 6.92
C SER A 652 8.26 -4.01 7.69
N SER A 653 8.95 -4.28 8.80
N SER A 653 8.94 -4.25 8.81
CA SER A 653 9.59 -3.20 9.58
CA SER A 653 9.54 -3.12 9.55
C SER A 653 10.70 -2.48 8.79
C SER A 653 10.68 -2.44 8.77
N HIS A 654 11.12 -3.08 7.69
CA HIS A 654 12.16 -2.51 6.80
C HIS A 654 11.61 -1.94 5.51
N ASN A 655 10.30 -2.11 5.27
CA ASN A 655 9.72 -1.66 3.99
C ASN A 655 8.23 -1.79 4.12
N LYS A 656 7.57 -0.68 4.45
CA LYS A 656 6.12 -0.65 4.63
C LYS A 656 5.35 -1.29 3.46
N TYR A 657 5.89 -1.21 2.22
CA TYR A 657 5.09 -1.75 1.11
C TYR A 657 5.00 -3.25 1.12
N ALA A 658 6.00 -3.93 1.70
CA ALA A 658 6.11 -5.39 1.59
C ALA A 658 5.37 -6.05 2.77
N GLY A 659 4.73 -7.18 2.51
CA GLY A 659 4.17 -7.94 3.66
C GLY A 659 5.25 -8.83 4.24
N GLU A 660 5.19 -9.02 5.57
CA GLU A 660 6.03 -10.03 6.23
C GLU A 660 5.08 -11.04 6.89
N SER A 661 5.37 -12.33 6.80
CA SER A 661 4.60 -13.36 7.49
C SER A 661 5.22 -13.69 8.87
N PHE A 662 4.38 -14.07 9.84
CA PHE A 662 4.78 -14.21 11.29
C PHE A 662 5.72 -13.07 11.69
N PRO A 663 5.26 -11.83 11.51
CA PRO A 663 6.12 -10.69 11.69
C PRO A 663 6.68 -10.58 13.11
N GLY A 664 5.92 -11.03 14.12
CA GLY A 664 6.45 -10.90 15.52
C GLY A 664 7.72 -11.78 15.67
N ILE A 665 7.68 -13.00 15.13
CA ILE A 665 8.84 -13.90 15.22
C ILE A 665 9.93 -13.40 14.27
N TYR A 666 9.54 -12.93 13.08
CA TYR A 666 10.52 -12.46 12.12
C TYR A 666 11.33 -11.32 12.72
N ASP A 667 10.67 -10.30 13.29
CA ASP A 667 11.41 -9.18 13.87
C ASP A 667 12.24 -9.60 15.11
N ALA A 668 11.78 -10.59 15.88
CA ALA A 668 12.55 -11.05 17.05
C ALA A 668 13.84 -11.72 16.56
N LEU A 669 13.79 -12.38 15.39
CA LEU A 669 14.98 -13.05 14.84
C LEU A 669 15.91 -12.15 14.04
N PHE A 670 15.41 -11.03 13.56
CA PHE A 670 16.17 -10.25 12.61
C PHE A 670 17.44 -9.69 13.25
N ASP A 671 18.60 -9.96 12.61
CA ASP A 671 19.91 -9.45 13.08
C ASP A 671 20.19 -9.90 14.53
N ILE A 672 19.69 -11.08 14.90
CA ILE A 672 19.73 -11.47 16.32
C ILE A 672 21.17 -11.69 16.79
N GLU A 673 22.02 -12.12 15.86
CA GLU A 673 23.44 -12.37 16.17
C GLU A 673 24.19 -11.12 16.63
N SER A 674 23.59 -9.94 16.43
N SER A 674 23.60 -9.93 16.45
CA SER A 674 24.17 -8.65 16.84
CA SER A 674 24.21 -8.68 16.88
C SER A 674 23.71 -8.18 18.20
C SER A 674 23.66 -8.14 18.18
N LYS A 675 22.69 -8.82 18.79
CA LYS A 675 22.13 -8.38 20.10
C LYS A 675 23.12 -8.68 21.23
N VAL A 676 23.31 -7.73 22.15
CA VAL A 676 24.37 -7.88 23.20
C VAL A 676 23.98 -8.90 24.28
N ASP A 677 22.66 -9.11 24.46
CA ASP A 677 22.17 -10.06 25.44
C ASP A 677 21.38 -11.19 24.72
N PRO A 678 22.07 -12.24 24.27
CA PRO A 678 21.40 -13.30 23.54
C PRO A 678 20.29 -14.04 24.31
N SER A 679 20.45 -14.20 25.63
N SER A 679 20.44 -14.22 25.63
CA SER A 679 19.42 -14.86 26.43
CA SER A 679 19.40 -14.90 26.42
C SER A 679 18.09 -14.13 26.31
C SER A 679 18.07 -14.13 26.35
N LYS A 680 18.16 -12.80 26.42
CA LYS A 680 16.99 -11.95 26.37
C LYS A 680 16.43 -11.96 24.94
N ALA A 681 17.31 -11.92 23.93
CA ALA A 681 16.87 -11.87 22.54
C ALA A 681 16.17 -13.19 22.17
N TRP A 682 16.76 -14.33 22.55
CA TRP A 682 16.14 -15.63 22.26
C TRP A 682 14.88 -15.90 23.08
N GLY A 683 14.79 -15.32 24.28
CA GLY A 683 13.58 -15.39 25.09
C GLY A 683 12.42 -14.72 24.35
N GLU A 684 12.73 -13.63 23.67
CA GLU A 684 11.67 -12.89 22.96
C GLU A 684 11.28 -13.66 21.71
N VAL A 685 12.25 -14.35 21.07
CA VAL A 685 11.86 -15.27 19.99
C VAL A 685 10.86 -16.30 20.50
N LYS A 686 11.17 -16.92 21.64
N LYS A 686 11.17 -16.92 21.64
CA LYS A 686 10.26 -17.94 22.17
CA LYS A 686 10.30 -17.94 22.23
C LYS A 686 8.91 -17.34 22.50
C LYS A 686 8.93 -17.37 22.60
N ARG A 687 8.92 -16.13 23.08
CA ARG A 687 7.65 -15.48 23.38
C ARG A 687 6.78 -15.31 22.10
N GLN A 688 7.42 -14.89 21.02
CA GLN A 688 6.69 -14.69 19.75
C GLN A 688 6.22 -16.01 19.15
N ILE A 689 6.99 -17.08 19.34
CA ILE A 689 6.55 -18.40 18.88
C ILE A 689 5.26 -18.79 19.62
N TYR A 690 5.21 -18.59 20.94
CA TYR A 690 4.04 -18.87 21.76
C TYR A 690 2.87 -18.03 21.31
N VAL A 691 3.08 -16.75 21.06
CA VAL A 691 1.94 -15.92 20.65
C VAL A 691 1.39 -16.40 19.28
N ALA A 692 2.30 -16.69 18.36
CA ALA A 692 1.88 -17.18 17.04
C ALA A 692 1.16 -18.53 17.10
N ALA A 693 1.70 -19.49 17.88
CA ALA A 693 1.07 -20.81 18.01
C ALA A 693 -0.31 -20.71 18.63
N PHE A 694 -0.39 -19.92 19.72
CA PHE A 694 -1.65 -19.72 20.37
C PHE A 694 -2.67 -19.11 19.37
N THR A 695 -2.27 -18.08 18.63
CA THR A 695 -3.25 -17.37 17.76
C THR A 695 -3.72 -18.30 16.66
N VAL A 696 -2.77 -19.07 16.11
CA VAL A 696 -3.19 -20.03 15.06
C VAL A 696 -4.18 -21.06 15.59
N GLN A 697 -3.88 -21.62 16.76
CA GLN A 697 -4.80 -22.56 17.41
C GLN A 697 -6.16 -21.91 17.71
N ALA A 698 -6.13 -20.67 18.21
CA ALA A 698 -7.38 -19.99 18.56
C ALA A 698 -8.21 -19.74 17.31
N ALA A 699 -7.56 -19.32 16.20
CA ALA A 699 -8.25 -19.17 14.91
C ALA A 699 -8.85 -20.50 14.43
N ALA A 700 -8.06 -21.56 14.54
CA ALA A 700 -8.57 -22.90 14.18
C ALA A 700 -9.83 -23.23 14.96
N GLU A 701 -9.83 -22.94 16.27
CA GLU A 701 -10.95 -23.30 17.10
C GLU A 701 -12.22 -22.55 16.77
N THR A 702 -12.12 -21.37 16.13
CA THR A 702 -13.33 -20.69 15.67
C THR A 702 -14.06 -21.43 14.55
N LEU A 703 -13.37 -22.38 13.93
CA LEU A 703 -13.97 -23.22 12.90
C LEU A 703 -14.48 -24.54 13.42
N SER A 704 -14.19 -24.85 14.69
CA SER A 704 -14.76 -26.09 15.29
C SER A 704 -16.25 -25.98 15.40
N GLU A 705 -16.94 -27.12 15.62
CA GLU A 705 -18.37 -27.04 15.92
C GLU A 705 -18.59 -26.13 17.13
N VAL A 706 -19.62 -25.33 17.06
CA VAL A 706 -19.71 -24.19 18.01
C VAL A 706 -20.14 -24.61 19.41
N ALA A 707 -20.74 -25.81 19.53
CA ALA A 707 -21.20 -26.32 20.85
C ALA A 707 -21.45 -27.81 20.69
C1 NAG B . -16.71 16.36 -14.88
C2 NAG B . -16.67 17.78 -15.40
C3 NAG B . -17.71 18.64 -14.65
C4 NAG B . -19.11 18.02 -14.60
C5 NAG B . -19.02 16.54 -14.21
C6 NAG B . -20.38 15.82 -14.30
C7 NAG B . -14.44 18.41 -16.27
C8 NAG B . -13.11 18.97 -15.90
N2 NAG B . -15.33 18.31 -15.26
O3 NAG B . -17.82 19.91 -15.28
O4 NAG B . -19.87 18.76 -13.65
O5 NAG B . -18.05 15.86 -15.01
O6 NAG B . -20.78 15.69 -15.67
O7 NAG B . -14.67 18.06 -17.42
C1 NAG B . -21.10 19.28 -14.20
C2 NAG B . -22.04 19.63 -13.04
C3 NAG B . -23.29 20.43 -13.46
C4 NAG B . -23.01 21.52 -14.51
C5 NAG B . -22.08 20.99 -15.63
C6 NAG B . -21.64 22.06 -16.62
C7 NAG B . -21.93 17.97 -11.17
C8 NAG B . -20.85 18.77 -10.51
N2 NAG B . -22.44 18.41 -12.34
O3 NAG B . -23.82 21.01 -12.26
O4 NAG B . -24.25 22.04 -15.05
O5 NAG B . -20.88 20.44 -15.04
O6 NAG B . -20.73 22.95 -15.95
O7 NAG B . -22.35 16.93 -10.65
C1 NAG C . 20.74 30.09 -5.66
C2 NAG C . 21.54 31.08 -6.51
C3 NAG C . 22.06 32.22 -5.64
C4 NAG C . 21.01 32.82 -4.69
C5 NAG C . 20.13 31.72 -4.00
C6 NAG C . 18.91 32.27 -3.25
C7 NAG C . 22.66 30.13 -8.48
C8 NAG C . 23.89 29.45 -9.01
N2 NAG C . 22.66 30.43 -7.17
O3 NAG C . 22.52 33.23 -6.54
O4 NAG C . 21.72 33.63 -3.74
O5 NAG C . 19.67 30.78 -4.98
O6 NAG C . 17.98 32.91 -4.11
O7 NAG C . 21.72 30.40 -9.20
C1 NAG C . 21.09 34.91 -3.52
C2 NAG C . 21.55 35.41 -2.14
C3 NAG C . 21.20 36.89 -1.87
C4 NAG C . 21.34 37.80 -3.10
C5 NAG C . 20.63 37.14 -4.29
C6 NAG C . 20.53 38.03 -5.53
C7 NAG C . 21.62 33.53 -0.55
C8 NAG C . 20.84 32.77 0.49
N2 NAG C . 20.98 34.55 -1.12
O3 NAG C . 22.08 37.39 -0.85
O4 NAG C . 20.85 39.12 -2.77
O5 NAG C . 21.29 35.88 -4.57
O6 NAG C . 21.73 37.89 -6.31
O7 NAG C . 22.76 33.21 -0.83
C1 NAG D . -14.42 -22.41 -7.10
C2 NAG D . -15.23 -22.42 -5.80
C3 NAG D . -15.23 -23.84 -5.25
C4 NAG D . -15.67 -24.84 -6.33
C5 NAG D . -14.80 -24.72 -7.59
C6 NAG D . -15.17 -25.64 -8.78
C7 NAG D . -15.34 -20.53 -4.24
C8 NAG D . -16.79 -20.41 -4.60
N2 NAG D . -14.65 -21.51 -4.81
O3 NAG D . -16.17 -23.84 -4.18
O4 NAG D . -15.52 -26.12 -5.72
O5 NAG D . -14.94 -23.37 -8.03
O6 NAG D . -16.56 -25.42 -9.04
O7 NAG D . -14.82 -19.77 -3.41
C1 NAG D . -16.70 -26.92 -5.89
C2 NAG D . -16.28 -28.35 -5.54
C3 NAG D . -17.47 -29.29 -5.61
C4 NAG D . -18.69 -28.75 -4.83
C5 NAG D . -18.97 -27.28 -5.20
C6 NAG D . -20.06 -26.63 -4.35
C7 NAG D . -13.89 -28.83 -6.02
C8 NAG D . -13.47 -28.42 -4.63
N2 NAG D . -15.18 -28.77 -6.40
O3 NAG D . -17.05 -30.55 -5.08
O4 NAG D . -19.86 -29.54 -5.11
O5 NAG D . -17.77 -26.52 -5.04
O6 NAG D . -19.60 -26.59 -2.99
O7 NAG D . -13.04 -29.20 -6.81
C1 BMA D . -20.19 -30.43 -4.02
C2 BMA D . -21.70 -30.42 -3.83
C3 BMA D . -22.08 -31.34 -2.65
C4 BMA D . -21.49 -32.75 -2.81
C5 BMA D . -20.01 -32.76 -3.24
C6 BMA D . -19.58 -34.13 -3.77
O2 BMA D . -22.33 -30.83 -5.05
O3 BMA D . -23.51 -31.36 -2.48
O4 BMA D . -21.61 -33.44 -1.55
O5 BMA D . -19.73 -31.77 -4.28
O6 BMA D . -18.15 -34.21 -3.87
C1 NAG E . -3.39 -29.47 18.62
C2 NAG E . -3.00 -28.65 19.86
C3 NAG E . -2.69 -29.64 21.00
C4 NAG E . -3.87 -30.62 21.26
C5 NAG E . -4.40 -31.25 19.98
C6 NAG E . -5.76 -31.93 20.23
C7 NAG E . -1.89 -26.48 20.06
C8 NAG E . -0.68 -25.68 19.69
N2 NAG E . -1.88 -27.74 19.59
O3 NAG E . -2.43 -28.88 22.17
O4 NAG E . -3.47 -31.72 22.10
O5 NAG E . -4.56 -30.25 18.97
O6 NAG E . -5.97 -32.97 19.26
O7 NAG E . -2.80 -26.04 20.75
C1 NAG E . -3.51 -31.34 23.48
C2 NAG E . -4.15 -32.41 24.34
C3 NAG E . -3.89 -32.21 25.83
C4 NAG E . -2.40 -31.88 26.09
C5 NAG E . -2.00 -30.70 25.20
C6 NAG E . -0.57 -30.19 25.41
C7 NAG E . -6.17 -33.50 23.47
C8 NAG E . -5.33 -34.63 22.95
N2 NAG E . -5.57 -32.48 24.11
O3 NAG E . -4.32 -33.41 26.50
O4 NAG E . -2.16 -31.43 27.43
O5 NAG E . -2.16 -31.14 23.85
O6 NAG E . 0.35 -31.05 24.73
O7 NAG E . -7.38 -33.48 23.31
C1 BMA E . -1.91 -32.53 28.31
C2 BMA E . -0.79 -32.14 29.27
C3 BMA E . -0.64 -33.21 30.35
C4 BMA E . -1.98 -33.55 31.02
C5 BMA E . -2.99 -33.91 29.94
C6 BMA E . -4.37 -34.22 30.48
O2 BMA E . -1.12 -30.86 29.85
O3 BMA E . 0.29 -32.69 31.29
O4 BMA E . -1.80 -34.62 31.93
O5 BMA E . -3.12 -32.80 29.04
O6 BMA E . -5.20 -34.37 29.33
C1 MAN E . 1.31 -33.64 31.69
C2 MAN E . 1.88 -33.13 33.01
C3 MAN E . 2.79 -31.90 32.79
C4 MAN E . 3.81 -32.10 31.65
C5 MAN E . 3.13 -32.67 30.39
C6 MAN E . 4.10 -32.93 29.23
O2 MAN E . 2.60 -34.20 33.63
O3 MAN E . 3.50 -31.51 33.97
O4 MAN E . 4.40 -30.82 31.34
O5 MAN E . 2.35 -33.84 30.71
O6 MAN E . 4.82 -34.13 29.48
C1 MAN E . -6.42 -35.06 29.68
C2 MAN E . -7.09 -35.55 28.40
C3 MAN E . -7.72 -34.38 27.61
C4 MAN E . -8.52 -33.39 28.48
C5 MAN E . -7.77 -33.05 29.77
C6 MAN E . -8.51 -32.14 30.77
O2 MAN E . -8.12 -36.49 28.76
O3 MAN E . -8.54 -34.88 26.55
O4 MAN E . -8.75 -32.19 27.72
O5 MAN E . -7.36 -34.26 30.43
O6 MAN E . -7.60 -31.52 31.69
C1 NAG F . 6.17 31.35 4.59
C2 NAG F . 5.50 31.64 5.93
C3 NAG F . 5.42 33.12 6.32
C4 NAG F . 6.47 34.05 5.66
C5 NAG F . 6.80 33.61 4.22
C6 NAG F . 7.78 34.53 3.46
C7 NAG F . 3.88 29.96 6.63
C8 NAG F . 2.51 29.38 6.42
N2 NAG F . 4.20 30.99 5.85
O3 NAG F . 5.65 33.16 7.74
O4 NAG F . 6.04 35.42 5.73
O5 NAG F . 7.25 32.23 4.24
O6 NAG F . 9.14 34.08 3.54
O7 NAG F . 4.64 29.50 7.48
C1 NAG G . 30.18 8.75 14.71
C2 NAG G . 30.56 7.94 15.97
C3 NAG G . 30.03 8.60 17.26
C4 NAG G . 30.35 10.10 17.36
C5 NAG G . 29.83 10.80 16.10
C6 NAG G . 30.02 12.33 16.11
C7 NAG G . 30.78 5.52 15.42
C8 NAG G . 30.05 4.21 15.41
N2 NAG G . 30.07 6.57 15.86
O3 NAG G . 30.58 7.91 18.39
O4 NAG G . 29.80 10.65 18.57
O5 NAG G . 30.37 10.18 14.90
O6 NAG G . 31.37 12.73 15.92
O7 NAG G . 31.95 5.59 15.03
C1 NAG H . 2.33 -1.55 -23.52
C2 NAG H . 3.66 -1.08 -22.89
C3 NAG H . 4.86 -1.12 -23.86
C4 NAG H . 5.04 -2.55 -24.35
C5 NAG H . 3.72 -3.00 -25.03
C6 NAG H . 3.77 -4.45 -25.56
C7 NAG H . 3.83 0.30 -20.89
C8 NAG H . 3.57 1.64 -20.29
N2 NAG H . 3.48 0.17 -22.16
O3 NAG H . 6.07 -0.77 -23.20
O4 NAG H . 6.21 -2.72 -25.20
O5 NAG H . 2.56 -2.82 -24.16
O6 NAG H . 4.53 -5.34 -24.73
O7 NAG H . 4.33 -0.60 -20.24
ZN ZN I . 0.31 7.63 -4.48
ZN ZN J . -2.59 6.04 -4.66
CA CA K . -7.19 9.26 14.47
CL CL L . -4.97 -1.06 -5.35
C1 PGE M . -11.90 12.53 -24.86
O1 PGE M . -13.04 12.43 -24.00
C2 PGE M . -11.12 13.80 -24.55
O2 PGE M . -10.55 14.34 -25.74
C3 PGE M . -10.69 15.75 -25.89
C4 PGE M . -11.94 16.07 -26.72
O4 PGE M . -15.08 15.66 -23.40
C6 PGE M . -14.60 16.70 -24.27
C5 PGE M . -14.02 16.07 -25.53
O3 PGE M . -12.86 16.81 -25.92
C1 EDO N . 9.82 -30.16 10.64
O1 EDO N . 8.39 -30.05 10.54
C2 EDO N . 10.45 -28.79 10.37
O2 EDO N . 10.20 -28.42 9.01
C1 EDO O . 20.90 7.66 -18.78
O1 EDO O . 20.56 6.28 -18.88
C2 EDO O . 19.62 8.50 -18.92
O2 EDO O . 18.98 8.17 -20.16
OAC CQB P . 1.31 4.35 3.59
CAO CQB P . 1.39 5.41 2.93
OAG CQB P . 1.62 6.54 3.44
CAJ CQB P . 1.31 5.28 1.40
CAK CQB P . 1.03 6.63 0.68
CAU CQB P . 1.43 6.53 -0.81
CAQ CQB P . 2.97 6.42 -0.94
OAI CQB P . 3.57 7.50 -0.90
OAE CQB P . 3.51 5.28 -1.08
OAN CQB P . 0.74 5.41 -1.38
CAR CQB P . 1.22 4.93 -2.56
OAF CQB P . 1.79 5.72 -3.33
N CQB P . 1.01 3.64 -2.82
CA CQB P . 1.42 2.97 -4.06
C CQB P . 0.39 1.87 -4.40
OXT CQB P . 0.07 1.04 -3.50
O CQB P . -0.07 1.86 -5.57
CB CQB P . 2.85 2.42 -3.84
CG CQB P . 3.30 1.48 -4.96
CD2 CQB P . 4.68 0.93 -4.60
CD1 CQB P . 3.45 2.29 -6.27
#